data_1C9D
#
_entry.id   1C9D
#
_cell.length_a   184.220
_cell.length_b   60.520
_cell.length_c   67.790
_cell.angle_alpha   90.00
_cell.angle_beta   94.43
_cell.angle_gamma   90.00
#
_symmetry.space_group_name_H-M   'C 1 2 1'
#
loop_
_entity.id
_entity.type
_entity.pdbx_description
1 polymer 'TRYPTOPHAN SYNTHASE (ALPHA CHAIN)'
2 polymer 'TRYPTOPHAN SYNTHASE (BETA CHAIN)'
3 non-polymer '4-(2-HYDROXY-4-FLUOROPHENYLTHIO)-BUTYLPHOSPHONIC ACID'
4 non-polymer 'SODIUM ION'
5 non-polymer "PYRIDOXAL-5'-PHOSPHATE"
6 water water
#
loop_
_entity_poly.entity_id
_entity_poly.type
_entity_poly.pdbx_seq_one_letter_code
_entity_poly.pdbx_strand_id
1 'polypeptide(L)'
;MERYENLFAQLNDRREGAFVPFVTLGDPGIEQSLKIIDTLIDAGADALELGVPFSDPLADGPTIQNANLRAFAAGVTPAQ
CFEMLALIREKHPTIPIGLLMYANLVFNNGIDAFYARCEQVGVDSVLVADVPVEESAPFRQAALRHNIAPIFICPPNADD
DLLRQVASYGRGYTYLLSRSGVTGAENRGALPLHHLIEKLKEYHAAPALQGFGISSPEQVSAAVRAGAAGAISGSAIVKI
IEKNLASPKQMLAELRSFVSAMKAASRA
;
A
2 'polypeptide(L)'
;MTTLLNPYFGEFGGMYVPQILMPALNQLEEAFVRAQKDPEFQAQFADLLKNYAGRPTALTKCQNITAGTRTTLYLKREDL
LHGGAHKTNQVLGQALLAKRMGKSEIIAETGAGQHGVASALASALLGLKCRIYMGAKDVERQSPNVFRMRLMGAEVIPVH
SGSATLKDACNEALRDWSGSYETAHYMLGTAAGPHPYPTIVREFQRMIGEETKAQILDKEGRLPDAVIACVGGGSNAIGM
FADFINDTSVGLIGVEPGGHGIETGEHGAPLKHGRVGIYFGMKAPMMQTADGQIEESYSISAGLDFPSVGPQHAYLNSIG
RADYVSITDDEALEAFKTLCRHEGIIPALESSHALAHALKMMREQPEKEQLLVVNLSGRGDKDIFTVHDILKARGEI
;
B
#
loop_
_chem_comp.id
_chem_comp.type
_chem_comp.name
_chem_comp.formula
HF1 non-polymer '4-(2-HYDROXY-4-FLUOROPHENYLTHIO)-BUTYLPHOSPHONIC ACID' 'C10 H12 F O4 P S'
NA non-polymer 'SODIUM ION' 'Na 1'
PLP non-polymer PYRIDOXAL-5'-PHOSPHATE 'C8 H10 N O6 P'
#
# COMPACT_ATOMS: atom_id res chain seq x y z
N GLU A 2 0.16 -24.68 23.61
CA GLU A 2 0.12 -23.99 24.93
C GLU A 2 1.52 -23.63 25.46
N ARG A 3 2.46 -23.48 24.53
CA ARG A 3 3.84 -23.13 24.86
C ARG A 3 3.90 -21.80 25.65
N TYR A 4 3.12 -20.80 25.22
CA TYR A 4 3.08 -19.47 25.89
C TYR A 4 2.51 -19.57 27.30
N GLU A 5 1.40 -20.30 27.43
CA GLU A 5 0.74 -20.51 28.72
C GLU A 5 1.73 -21.08 29.74
N ASN A 6 2.45 -22.13 29.34
CA ASN A 6 3.43 -22.78 30.21
C ASN A 6 4.55 -21.84 30.61
N LEU A 7 5.14 -21.16 29.64
CA LEU A 7 6.21 -20.20 29.90
C LEU A 7 5.80 -19.12 30.91
N PHE A 8 4.66 -18.46 30.66
CA PHE A 8 4.17 -17.40 31.54
C PHE A 8 3.89 -17.85 32.96
N ALA A 9 3.24 -19.00 33.12
CA ALA A 9 2.94 -19.53 34.45
C ALA A 9 4.26 -19.79 35.15
N GLN A 10 5.23 -20.29 34.39
CA GLN A 10 6.54 -20.57 34.91
C GLN A 10 7.23 -19.28 35.38
N LEU A 11 7.23 -18.26 34.51
CA LEU A 11 7.85 -16.98 34.83
C LEU A 11 7.17 -16.30 36.04
N ASN A 12 5.85 -16.44 36.14
CA ASN A 12 5.11 -15.87 37.25
C ASN A 12 5.53 -16.55 38.55
N ASP A 13 5.72 -17.87 38.49
CA ASP A 13 6.15 -18.63 39.67
C ASP A 13 7.54 -18.20 40.09
N ARG A 14 8.21 -17.46 39.21
CA ARG A 14 9.56 -16.99 39.49
C ARG A 14 9.52 -15.48 39.68
N ARG A 15 8.32 -14.90 39.64
CA ARG A 15 8.11 -13.46 39.76
C ARG A 15 9.08 -12.79 38.80
N GLU A 16 9.02 -13.24 37.55
CA GLU A 16 9.92 -12.80 36.50
C GLU A 16 9.18 -12.36 35.23
N GLY A 17 9.81 -11.47 34.48
CA GLY A 17 9.21 -11.01 33.24
C GLY A 17 9.88 -11.77 32.09
N ALA A 18 9.32 -11.68 30.89
CA ALA A 18 9.88 -12.37 29.71
C ALA A 18 10.70 -11.45 28.81
N PHE A 19 11.87 -11.90 28.39
CA PHE A 19 12.68 -11.10 27.46
C PHE A 19 12.66 -11.81 26.11
N VAL A 20 12.03 -11.16 25.11
CA VAL A 20 11.89 -11.72 23.77
C VAL A 20 12.62 -10.95 22.67
N PRO A 21 13.75 -11.49 22.16
CA PRO A 21 14.51 -10.83 21.10
C PRO A 21 13.94 -11.16 19.72
N PHE A 22 14.19 -10.26 18.76
CA PHE A 22 13.72 -10.44 17.39
C PHE A 22 14.90 -10.46 16.42
N VAL A 23 14.77 -11.25 15.36
CA VAL A 23 15.75 -11.32 14.29
C VAL A 23 15.00 -11.74 13.03
N THR A 24 15.59 -11.46 11.87
CA THR A 24 15.00 -11.83 10.59
C THR A 24 15.65 -13.15 10.19
N LEU A 25 14.81 -14.14 9.89
CA LEU A 25 15.30 -15.45 9.49
C LEU A 25 16.14 -15.34 8.22
N GLY A 26 17.37 -15.83 8.28
CA GLY A 26 18.25 -15.79 7.13
C GLY A 26 19.23 -14.63 7.03
N ASP A 27 19.22 -13.74 8.02
CA ASP A 27 20.12 -12.58 8.05
C ASP A 27 21.26 -12.88 9.04
N PRO A 28 22.55 -12.75 8.61
CA PRO A 28 23.10 -12.37 7.30
C PRO A 28 23.18 -13.50 6.29
N GLY A 29 22.86 -14.71 6.76
CA GLY A 29 22.88 -15.91 5.93
C GLY A 29 22.17 -17.01 6.73
N ILE A 30 21.76 -18.09 6.07
CA ILE A 30 21.08 -19.16 6.77
C ILE A 30 21.89 -19.74 7.94
N GLU A 31 23.03 -20.36 7.62
CA GLU A 31 23.90 -20.97 8.61
C GLU A 31 24.26 -20.02 9.76
N GLN A 32 24.63 -18.80 9.42
CA GLN A 32 24.98 -17.82 10.44
C GLN A 32 23.75 -17.43 11.29
N SER A 33 22.58 -17.43 10.66
CA SER A 33 21.33 -17.08 11.35
C SER A 33 21.01 -18.17 12.38
N LEU A 34 21.21 -19.42 11.98
CA LEU A 34 20.95 -20.56 12.87
C LEU A 34 21.87 -20.43 14.10
N LYS A 35 23.08 -19.99 13.85
CA LYS A 35 24.09 -19.79 14.87
C LYS A 35 23.69 -18.63 15.80
N ILE A 36 23.18 -17.54 15.24
CA ILE A 36 22.73 -16.38 16.03
C ILE A 36 21.59 -16.76 16.98
N ILE A 37 20.62 -17.51 16.46
CA ILE A 37 19.45 -17.96 17.21
C ILE A 37 19.81 -18.86 18.41
N ASP A 38 20.76 -19.76 18.23
CA ASP A 38 21.15 -20.63 19.34
C ASP A 38 21.87 -19.80 20.40
N THR A 39 22.63 -18.81 19.97
CA THR A 39 23.35 -17.92 20.88
C THR A 39 22.34 -17.10 21.69
N LEU A 40 21.26 -16.72 21.03
CA LEU A 40 20.20 -15.93 21.66
C LEU A 40 19.58 -16.73 22.80
N ILE A 41 19.18 -17.96 22.48
CA ILE A 41 18.55 -18.84 23.46
C ILE A 41 19.51 -19.15 24.59
N ASP A 42 20.74 -19.53 24.26
CA ASP A 42 21.74 -19.86 25.27
C ASP A 42 22.01 -18.71 26.25
N ALA A 43 21.98 -17.48 25.76
CA ALA A 43 22.23 -16.31 26.60
C ALA A 43 21.03 -15.91 27.48
N GLY A 44 19.89 -16.56 27.30
CA GLY A 44 18.74 -16.25 28.14
C GLY A 44 17.39 -15.90 27.54
N ALA A 45 17.25 -15.89 26.22
CA ALA A 45 15.95 -15.55 25.61
C ALA A 45 14.84 -16.46 26.13
N ASP A 46 13.69 -15.88 26.50
CA ASP A 46 12.56 -16.65 27.01
C ASP A 46 11.65 -17.16 25.90
N ALA A 47 11.59 -16.42 24.80
CA ALA A 47 10.79 -16.76 23.64
C ALA A 47 11.45 -16.10 22.43
N LEU A 48 10.91 -16.33 21.24
CA LEU A 48 11.48 -15.78 20.02
C LEU A 48 10.43 -15.18 19.09
N GLU A 49 10.79 -14.09 18.43
CA GLU A 49 9.94 -13.39 17.45
C GLU A 49 10.81 -13.42 16.18
N LEU A 50 10.32 -14.11 15.16
CA LEU A 50 11.04 -14.32 13.92
C LEU A 50 10.34 -13.75 12.70
N GLY A 51 11.04 -12.92 11.94
CA GLY A 51 10.44 -12.34 10.75
C GLY A 51 10.94 -13.05 9.53
N VAL A 52 10.05 -13.38 8.60
CA VAL A 52 10.46 -14.02 7.35
C VAL A 52 10.63 -12.87 6.37
N PRO A 53 11.68 -12.90 5.54
CA PRO A 53 11.97 -11.86 4.56
C PRO A 53 10.82 -11.47 3.65
N PHE A 54 10.45 -10.19 3.67
CA PHE A 54 9.39 -9.66 2.82
C PHE A 54 9.91 -8.44 2.08
N SER A 55 9.46 -8.28 0.84
CA SER A 55 9.86 -7.18 -0.03
C SER A 55 9.40 -5.78 0.40
N ASP A 56 8.23 -5.68 1.04
CA ASP A 56 7.70 -4.38 1.45
C ASP A 56 7.25 -4.30 2.91
N PRO A 57 8.19 -4.29 3.87
CA PRO A 57 7.83 -4.22 5.29
C PRO A 57 7.45 -2.79 5.74
N LEU A 58 6.20 -2.41 5.50
CA LEU A 58 5.70 -1.07 5.84
C LEU A 58 5.47 -0.73 7.32
N ALA A 59 5.90 -1.59 8.21
CA ALA A 59 5.76 -1.33 9.64
C ALA A 59 7.13 -1.36 10.29
N ASP A 60 8.16 -1.42 9.45
CA ASP A 60 9.53 -1.50 9.94
C ASP A 60 10.42 -0.32 9.57
N GLY A 61 11.31 0.04 10.50
CA GLY A 61 12.26 1.13 10.28
C GLY A 61 13.47 0.63 9.52
N PRO A 62 14.46 1.49 9.24
CA PRO A 62 15.68 1.15 8.51
C PRO A 62 16.43 -0.08 9.01
N THR A 63 16.62 -0.19 10.32
CA THR A 63 17.36 -1.33 10.88
C THR A 63 16.79 -2.66 10.40
N ILE A 64 15.49 -2.86 10.61
CA ILE A 64 14.82 -4.10 10.22
C ILE A 64 14.61 -4.21 8.70
N GLN A 65 14.53 -3.06 8.04
CA GLN A 65 14.35 -3.00 6.58
C GLN A 65 15.61 -3.65 5.97
N ASN A 66 16.76 -3.33 6.56
CA ASN A 66 18.05 -3.84 6.12
C ASN A 66 18.24 -5.32 6.43
N ALA A 67 17.58 -5.80 7.47
CA ALA A 67 17.67 -7.20 7.84
C ALA A 67 17.04 -8.04 6.73
N ASN A 68 15.91 -7.55 6.20
CA ASN A 68 15.18 -8.21 5.12
C ASN A 68 16.03 -8.18 3.85
N LEU A 69 16.64 -7.02 3.58
CA LEU A 69 17.49 -6.85 2.41
C LEU A 69 18.70 -7.79 2.46
N ARG A 70 19.35 -7.87 3.62
CA ARG A 70 20.51 -8.74 3.78
C ARG A 70 20.14 -10.22 3.55
N ALA A 71 18.96 -10.61 4.04
CA ALA A 71 18.43 -11.98 3.89
C ALA A 71 18.18 -12.27 2.40
N PHE A 72 17.57 -11.29 1.73
CA PHE A 72 17.29 -11.39 0.28
C PHE A 72 18.60 -11.56 -0.48
N ALA A 73 19.63 -10.82 -0.06
CA ALA A 73 20.94 -10.90 -0.68
C ALA A 73 21.53 -12.30 -0.55
N ALA A 74 21.15 -13.01 0.52
CA ALA A 74 21.64 -14.37 0.76
C ALA A 74 20.78 -15.39 0.00
N GLY A 75 19.62 -14.95 -0.50
CA GLY A 75 18.76 -15.85 -1.25
C GLY A 75 17.82 -16.70 -0.42
N VAL A 76 17.44 -16.19 0.75
CA VAL A 76 16.54 -16.89 1.66
C VAL A 76 15.09 -16.79 1.17
N THR A 77 14.46 -17.94 0.94
CA THR A 77 13.09 -17.99 0.46
C THR A 77 12.15 -18.45 1.58
N PRO A 78 10.84 -18.13 1.48
CA PRO A 78 9.88 -18.54 2.52
C PRO A 78 9.89 -20.05 2.78
N ALA A 79 10.13 -20.85 1.74
CA ALA A 79 10.18 -22.31 1.89
C ALA A 79 11.42 -22.71 2.68
N GLN A 80 12.51 -21.96 2.47
CA GLN A 80 13.78 -22.18 3.15
C GLN A 80 13.59 -21.78 4.61
N CYS A 81 12.70 -20.82 4.85
CA CYS A 81 12.39 -20.36 6.19
C CYS A 81 11.75 -21.47 7.02
N PHE A 82 10.73 -22.13 6.48
CA PHE A 82 10.05 -23.23 7.19
C PHE A 82 10.99 -24.39 7.52
N GLU A 83 12.02 -24.58 6.70
CA GLU A 83 13.00 -25.64 6.88
C GLU A 83 13.86 -25.27 8.10
N MET A 84 14.13 -23.98 8.23
CA MET A 84 14.93 -23.43 9.31
C MET A 84 14.17 -23.58 10.64
N LEU A 85 12.89 -23.21 10.61
CA LEU A 85 12.01 -23.29 11.75
C LEU A 85 11.92 -24.70 12.35
N ALA A 86 11.79 -25.70 11.49
CA ALA A 86 11.71 -27.10 11.92
C ALA A 86 12.97 -27.54 12.68
N LEU A 87 14.13 -27.14 12.17
CA LEU A 87 15.39 -27.48 12.80
C LEU A 87 15.49 -26.82 14.17
N ILE A 88 15.03 -25.57 14.27
CA ILE A 88 15.07 -24.82 15.54
C ILE A 88 14.21 -25.52 16.59
N ARG A 89 13.06 -26.05 16.17
CA ARG A 89 12.22 -26.78 17.12
C ARG A 89 12.75 -28.16 17.50
N GLU A 90 13.38 -28.82 16.54
CA GLU A 90 13.94 -30.14 16.74
C GLU A 90 15.09 -30.04 17.74
N LYS A 91 15.55 -28.82 17.97
CA LYS A 91 16.66 -28.52 18.87
C LYS A 91 16.18 -27.95 20.22
N HIS A 92 15.13 -27.15 20.17
CA HIS A 92 14.59 -26.50 21.36
C HIS A 92 13.10 -26.79 21.36
N PRO A 93 12.65 -27.68 22.27
CA PRO A 93 11.26 -28.10 22.40
C PRO A 93 10.22 -27.25 23.16
N THR A 94 10.66 -26.43 24.12
CA THR A 94 9.72 -25.66 24.91
C THR A 94 9.57 -24.18 24.61
N ILE A 95 10.62 -23.56 24.07
CA ILE A 95 10.62 -22.12 23.79
C ILE A 95 9.52 -21.63 22.82
N PRO A 96 8.71 -20.63 23.24
CA PRO A 96 7.65 -20.13 22.35
C PRO A 96 8.26 -19.41 21.13
N ILE A 97 7.70 -19.68 19.94
CA ILE A 97 8.16 -19.10 18.70
C ILE A 97 7.03 -18.38 17.99
N GLY A 98 7.18 -17.06 17.83
CA GLY A 98 6.19 -16.23 17.15
C GLY A 98 6.75 -15.77 15.81
N LEU A 99 5.90 -15.71 14.79
CA LEU A 99 6.30 -15.29 13.45
C LEU A 99 5.79 -13.86 13.15
N LEU A 100 6.64 -13.01 12.60
CA LEU A 100 6.25 -11.65 12.22
C LEU A 100 6.02 -11.78 10.71
N MET A 101 4.79 -11.52 10.30
CA MET A 101 4.37 -11.67 8.92
C MET A 101 3.66 -10.44 8.35
N TYR A 102 3.59 -10.39 7.02
CA TYR A 102 2.85 -9.35 6.29
C TYR A 102 1.78 -10.15 5.54
N ALA A 103 0.64 -9.51 5.28
CA ALA A 103 -0.53 -10.15 4.67
C ALA A 103 -0.40 -11.01 3.44
N ASN A 104 0.29 -10.50 2.43
CA ASN A 104 0.43 -11.24 1.19
C ASN A 104 1.13 -12.60 1.32
N LEU A 105 2.14 -12.69 2.17
CA LEU A 105 2.88 -13.94 2.35
C LEU A 105 2.04 -15.09 2.93
N VAL A 106 1.05 -14.75 3.75
CA VAL A 106 0.16 -15.78 4.34
C VAL A 106 -1.09 -16.04 3.47
N PHE A 107 -1.52 -15.05 2.70
CA PHE A 107 -2.69 -15.20 1.82
C PHE A 107 -2.26 -15.80 0.47
N ASN A 108 -1.03 -15.50 0.06
CA ASN A 108 -0.46 -15.95 -1.21
C ASN A 108 -0.99 -17.24 -1.79
N ASN A 109 -0.76 -18.35 -1.11
CA ASN A 109 -1.25 -19.63 -1.59
C ASN A 109 -2.21 -20.29 -0.59
N GLY A 110 -3.20 -19.50 -0.16
CA GLY A 110 -4.19 -19.99 0.76
C GLY A 110 -3.84 -19.73 2.21
N ILE A 111 -4.74 -19.03 2.91
CA ILE A 111 -4.59 -18.69 4.32
C ILE A 111 -4.48 -19.96 5.16
N ASP A 112 -5.38 -20.91 4.88
CA ASP A 112 -5.45 -22.19 5.59
C ASP A 112 -4.14 -22.98 5.54
N ALA A 113 -3.65 -23.18 4.32
CA ALA A 113 -2.42 -23.93 4.09
C ALA A 113 -1.19 -23.32 4.75
N PHE A 114 -1.17 -21.99 4.92
CA PHE A 114 -0.02 -21.36 5.58
C PHE A 114 0.00 -21.74 7.06
N TYR A 115 -1.15 -21.66 7.71
CA TYR A 115 -1.25 -22.00 9.13
C TYR A 115 -1.00 -23.51 9.37
N ALA A 116 -1.41 -24.34 8.40
CA ALA A 116 -1.18 -25.77 8.50
C ALA A 116 0.31 -26.03 8.49
N ARG A 117 1.03 -25.29 7.66
CA ARG A 117 2.48 -25.42 7.60
C ARG A 117 3.12 -24.94 8.91
N CYS A 118 2.54 -23.93 9.54
CA CYS A 118 3.08 -23.42 10.82
C CYS A 118 2.97 -24.51 11.88
N GLU A 119 1.82 -25.20 11.91
CA GLU A 119 1.59 -26.27 12.86
C GLU A 119 2.61 -27.38 12.66
N GLN A 120 2.78 -27.78 11.40
CA GLN A 120 3.67 -28.86 11.05
C GLN A 120 5.13 -28.59 11.40
N VAL A 121 5.45 -27.32 11.60
CA VAL A 121 6.82 -26.92 11.90
C VAL A 121 7.04 -26.66 13.39
N GLY A 122 5.95 -26.44 14.13
CA GLY A 122 6.07 -26.20 15.54
C GLY A 122 6.00 -24.73 15.93
N VAL A 123 5.44 -23.90 15.05
CA VAL A 123 5.32 -22.47 15.32
C VAL A 123 4.22 -22.29 16.37
N ASP A 124 4.37 -21.30 17.23
CA ASP A 124 3.38 -21.07 18.27
C ASP A 124 2.40 -19.93 18.00
N SER A 125 2.90 -18.80 17.51
CA SER A 125 2.01 -17.68 17.23
C SER A 125 2.32 -16.99 15.92
N VAL A 126 1.36 -16.21 15.45
CA VAL A 126 1.53 -15.47 14.21
C VAL A 126 0.89 -14.09 14.29
N LEU A 127 1.71 -13.07 14.05
CA LEU A 127 1.27 -11.69 14.01
C LEU A 127 1.39 -11.24 12.55
N VAL A 128 0.28 -10.76 11.98
CA VAL A 128 0.29 -10.26 10.60
C VAL A 128 0.22 -8.75 10.78
N ALA A 129 1.36 -8.09 10.62
CA ALA A 129 1.46 -6.65 10.84
C ALA A 129 0.46 -5.73 10.13
N ASP A 130 -0.04 -6.15 8.96
CA ASP A 130 -0.97 -5.29 8.23
C ASP A 130 -2.44 -5.74 8.18
N VAL A 131 -2.87 -6.50 9.18
CA VAL A 131 -4.26 -6.97 9.27
C VAL A 131 -4.88 -6.45 10.58
N PRO A 132 -5.75 -5.42 10.50
CA PRO A 132 -6.36 -4.92 11.74
C PRO A 132 -7.47 -5.88 12.20
N VAL A 133 -8.04 -5.64 13.38
CA VAL A 133 -9.11 -6.50 13.92
C VAL A 133 -10.30 -6.61 12.98
N GLU A 134 -10.57 -5.51 12.30
CA GLU A 134 -11.67 -5.35 11.36
C GLU A 134 -11.54 -6.31 10.19
N GLU A 135 -10.32 -6.78 9.94
CA GLU A 135 -10.07 -7.65 8.80
C GLU A 135 -9.46 -9.02 9.17
N SER A 136 -9.38 -9.31 10.48
CA SER A 136 -8.78 -10.55 10.99
C SER A 136 -9.58 -11.84 10.95
N ALA A 137 -10.90 -11.77 10.83
CA ALA A 137 -11.73 -12.98 10.85
C ALA A 137 -11.09 -14.20 10.22
N PRO A 138 -10.87 -14.20 8.88
CA PRO A 138 -10.25 -15.38 8.27
C PRO A 138 -8.90 -15.84 8.82
N PHE A 139 -8.06 -14.91 9.29
CA PHE A 139 -6.74 -15.25 9.83
C PHE A 139 -6.86 -15.83 11.25
N ARG A 140 -7.80 -15.28 12.00
CA ARG A 140 -8.12 -15.68 13.37
C ARG A 140 -8.60 -17.15 13.40
N GLN A 141 -9.59 -17.40 12.56
CA GLN A 141 -10.25 -18.68 12.41
C GLN A 141 -9.26 -19.77 11.99
N ALA A 142 -8.48 -19.48 10.95
CA ALA A 142 -7.48 -20.42 10.45
C ALA A 142 -6.43 -20.75 11.50
N ALA A 143 -5.97 -19.73 12.22
CA ALA A 143 -4.97 -19.92 13.26
C ALA A 143 -5.51 -20.85 14.35
N LEU A 144 -6.70 -20.54 14.87
CA LEU A 144 -7.34 -21.33 15.92
C LEU A 144 -7.54 -22.78 15.50
N ARG A 145 -7.91 -22.98 14.24
CA ARG A 145 -8.14 -24.30 13.68
C ARG A 145 -6.89 -25.17 13.64
N HIS A 146 -5.72 -24.55 13.59
CA HIS A 146 -4.47 -25.30 13.53
C HIS A 146 -3.64 -25.10 14.78
N ASN A 147 -4.31 -24.78 15.88
CA ASN A 147 -3.67 -24.59 17.17
C ASN A 147 -2.55 -23.55 17.19
N ILE A 148 -2.70 -22.51 16.37
CA ILE A 148 -1.72 -21.41 16.32
C ILE A 148 -2.42 -20.22 16.95
N ALA A 149 -1.68 -19.48 17.78
CA ALA A 149 -2.23 -18.31 18.47
C ALA A 149 -2.18 -17.06 17.57
N PRO A 150 -3.34 -16.42 17.36
CA PRO A 150 -3.45 -15.20 16.55
C PRO A 150 -3.11 -13.98 17.42
N ILE A 151 -2.00 -13.31 17.13
CA ILE A 151 -1.58 -12.14 17.91
C ILE A 151 -2.21 -10.82 17.46
N PHE A 152 -2.88 -10.13 18.39
CA PHE A 152 -3.52 -8.85 18.09
C PHE A 152 -2.77 -7.69 18.72
N ILE A 153 -2.75 -6.57 17.99
CA ILE A 153 -2.04 -5.38 18.44
C ILE A 153 -2.94 -4.39 19.18
N CYS A 154 -2.48 -3.97 20.35
CA CYS A 154 -3.19 -3.00 21.16
C CYS A 154 -2.34 -1.71 21.15
N PRO A 155 -2.83 -0.69 20.41
CA PRO A 155 -2.13 0.60 20.29
C PRO A 155 -2.30 1.38 21.60
N PRO A 156 -1.40 2.32 21.88
CA PRO A 156 -1.47 3.14 23.11
C PRO A 156 -2.73 4.01 23.25
N ASN A 157 -3.49 4.12 22.17
CA ASN A 157 -4.72 4.93 22.13
C ASN A 157 -5.98 4.10 21.94
N ALA A 158 -5.95 2.83 22.30
CA ALA A 158 -7.11 1.97 22.12
C ALA A 158 -8.30 2.33 23.01
N ASP A 159 -9.47 2.48 22.40
CA ASP A 159 -10.68 2.79 23.16
C ASP A 159 -11.28 1.48 23.70
N ASP A 160 -12.22 1.60 24.62
CA ASP A 160 -12.84 0.42 25.24
C ASP A 160 -13.26 -0.67 24.26
N ASP A 161 -13.89 -0.26 23.16
CA ASP A 161 -14.34 -1.20 22.13
C ASP A 161 -13.20 -2.04 21.57
N LEU A 162 -12.04 -1.42 21.35
CA LEU A 162 -10.89 -2.14 20.84
C LEU A 162 -10.34 -3.08 21.90
N LEU A 163 -10.16 -2.57 23.12
CA LEU A 163 -9.61 -3.37 24.22
C LEU A 163 -10.39 -4.65 24.44
N ARG A 164 -11.71 -4.53 24.37
CA ARG A 164 -12.63 -5.65 24.55
C ARG A 164 -12.50 -6.65 23.41
N GLN A 165 -12.30 -6.13 22.19
CA GLN A 165 -12.15 -6.96 21.00
C GLN A 165 -10.83 -7.71 21.04
N VAL A 166 -9.74 -6.99 21.31
CA VAL A 166 -8.40 -7.56 21.41
C VAL A 166 -8.38 -8.68 22.46
N ALA A 167 -8.91 -8.38 23.63
CA ALA A 167 -8.97 -9.35 24.73
C ALA A 167 -9.70 -10.63 24.31
N SER A 168 -10.82 -10.46 23.60
CA SER A 168 -11.64 -11.58 23.18
C SER A 168 -11.07 -12.47 22.07
N TYR A 169 -10.43 -11.85 21.07
CA TYR A 169 -9.89 -12.59 19.92
C TYR A 169 -8.47 -13.12 20.05
N GLY A 170 -7.60 -12.39 20.73
CA GLY A 170 -6.21 -12.80 20.87
C GLY A 170 -5.94 -14.06 21.68
N ARG A 171 -4.71 -14.56 21.59
CA ARG A 171 -4.25 -15.76 22.33
C ARG A 171 -2.73 -15.68 22.41
N GLY A 172 -2.10 -16.50 23.27
CA GLY A 172 -0.64 -16.49 23.39
C GLY A 172 -0.14 -15.28 24.17
N TYR A 173 -0.16 -14.11 23.52
CA TYR A 173 0.22 -12.85 24.15
C TYR A 173 -0.45 -11.70 23.41
N THR A 174 -0.63 -10.58 24.10
CA THR A 174 -1.24 -9.38 23.55
C THR A 174 -0.07 -8.45 23.25
N TYR A 175 0.04 -7.97 22.01
CA TYR A 175 1.16 -7.12 21.63
C TYR A 175 0.84 -5.68 22.02
N LEU A 176 1.44 -5.23 23.14
CA LEU A 176 1.21 -3.87 23.62
C LEU A 176 2.22 -2.95 22.94
N LEU A 177 1.71 -2.13 22.03
CA LEU A 177 2.52 -1.19 21.29
C LEU A 177 2.82 -0.04 22.25
N SER A 178 4.09 0.21 22.52
CA SER A 178 4.45 1.29 23.43
C SER A 178 4.46 2.65 22.76
N ARG A 179 4.62 2.65 21.44
CA ARG A 179 4.73 3.87 20.65
C ARG A 179 3.84 3.89 19.41
N SER A 180 3.92 5.01 18.71
CA SER A 180 3.22 5.22 17.45
C SER A 180 4.40 5.08 16.45
N GLY A 181 4.14 5.13 15.15
CA GLY A 181 5.25 5.02 14.20
C GLY A 181 5.66 3.59 13.85
N VAL A 182 6.90 3.41 13.40
CA VAL A 182 7.42 2.10 13.00
C VAL A 182 8.51 1.56 13.95
N THR A 183 8.91 0.31 13.74
CA THR A 183 9.94 -0.31 14.58
C THR A 183 11.24 0.46 14.50
N GLY A 184 11.94 0.57 15.63
CA GLY A 184 13.21 1.28 15.67
C GLY A 184 13.61 1.66 17.07
N ALA A 185 14.76 1.15 17.52
CA ALA A 185 15.28 1.45 18.87
C ALA A 185 15.91 2.84 18.87
N GLU A 186 15.95 3.45 17.68
CA GLU A 186 16.53 4.75 17.42
C GLU A 186 15.88 5.83 18.32
N ASN A 187 14.59 5.68 18.57
CA ASN A 187 13.85 6.61 19.41
C ASN A 187 13.01 5.83 20.43
N ARG A 188 13.01 6.32 21.66
CA ARG A 188 12.28 5.70 22.77
C ARG A 188 10.76 5.75 22.56
N GLY A 189 10.02 5.61 23.65
CA GLY A 189 8.56 5.65 23.57
C GLY A 189 7.98 6.45 24.72
N PRO A 192 2.95 5.79 28.86
CA PRO A 192 2.38 5.33 30.16
C PRO A 192 1.26 4.35 29.84
N LEU A 193 1.55 3.06 29.85
CA LEU A 193 0.54 2.06 29.50
C LEU A 193 -0.23 1.39 30.65
N HIS A 194 -0.07 1.91 31.86
CA HIS A 194 -0.75 1.36 33.05
C HIS A 194 -2.24 1.15 32.86
N HIS A 195 -2.91 2.13 32.26
CA HIS A 195 -4.34 2.06 32.02
C HIS A 195 -4.73 0.88 31.13
N LEU A 196 -4.05 0.74 30.01
CA LEU A 196 -4.35 -0.35 29.10
C LEU A 196 -4.09 -1.67 29.82
N ILE A 197 -2.89 -1.83 30.35
CA ILE A 197 -2.49 -3.05 31.05
C ILE A 197 -3.51 -3.56 32.06
N GLU A 198 -4.16 -2.65 32.76
CA GLU A 198 -5.17 -2.98 33.77
C GLU A 198 -6.47 -3.41 33.12
N LYS A 199 -6.87 -2.67 32.10
CA LYS A 199 -8.11 -2.95 31.39
C LYS A 199 -8.00 -4.29 30.64
N LEU A 200 -6.84 -4.56 30.05
CA LEU A 200 -6.62 -5.83 29.35
C LEU A 200 -6.73 -6.98 30.35
N LYS A 201 -6.14 -6.80 31.53
CA LYS A 201 -6.18 -7.80 32.58
C LYS A 201 -7.64 -7.98 33.02
N GLU A 202 -8.37 -6.87 33.05
CA GLU A 202 -9.78 -6.87 33.43
C GLU A 202 -10.62 -7.70 32.46
N TYR A 203 -10.34 -7.58 31.16
CA TYR A 203 -11.10 -8.33 30.16
C TYR A 203 -10.52 -9.73 29.90
N HIS A 204 -9.62 -10.17 30.77
CA HIS A 204 -8.99 -11.49 30.67
C HIS A 204 -8.22 -11.72 29.37
N ALA A 205 -7.50 -10.70 28.93
CA ALA A 205 -6.69 -10.80 27.70
C ALA A 205 -5.47 -11.67 27.96
N ALA A 206 -4.82 -12.09 26.88
CA ALA A 206 -3.59 -12.89 27.00
C ALA A 206 -2.54 -11.94 27.59
N PRO A 207 -1.54 -12.49 28.31
CA PRO A 207 -0.50 -11.65 28.91
C PRO A 207 0.15 -10.70 27.88
N ALA A 208 0.36 -9.46 28.28
CA ALA A 208 0.93 -8.47 27.39
C ALA A 208 2.46 -8.41 27.33
N LEU A 209 2.97 -8.29 26.11
CA LEU A 209 4.40 -8.17 25.86
C LEU A 209 4.51 -6.77 25.23
N GLN A 210 5.34 -5.91 25.81
CA GLN A 210 5.54 -4.55 25.29
C GLN A 210 6.61 -4.53 24.20
N GLY A 211 6.28 -3.94 23.06
CA GLY A 211 7.22 -3.90 21.96
C GLY A 211 7.31 -2.53 21.30
N PHE A 212 8.46 -2.26 20.68
CA PHE A 212 8.80 -1.00 19.98
C PHE A 212 9.65 -0.07 20.86
N GLY A 213 10.87 0.19 20.42
CA GLY A 213 11.77 1.08 21.14
C GLY A 213 12.50 0.58 22.38
N ILE A 214 12.26 -0.67 22.77
CA ILE A 214 12.91 -1.25 23.95
C ILE A 214 14.36 -1.61 23.60
N SER A 215 15.33 -0.85 24.13
CA SER A 215 16.72 -1.13 23.82
C SER A 215 17.71 -1.17 24.99
N SER A 216 17.22 -0.99 26.20
CA SER A 216 18.08 -0.99 27.39
C SER A 216 17.48 -1.77 28.56
N PRO A 217 18.33 -2.25 29.47
CA PRO A 217 17.93 -3.02 30.66
C PRO A 217 16.84 -2.32 31.48
N GLU A 218 17.01 -1.02 31.71
CA GLU A 218 16.04 -0.24 32.46
C GLU A 218 14.66 -0.23 31.82
N GLN A 219 14.64 -0.35 30.49
CA GLN A 219 13.40 -0.33 29.76
C GLN A 219 12.58 -1.59 30.02
N VAL A 220 13.24 -2.75 30.10
CA VAL A 220 12.51 -3.98 30.39
C VAL A 220 12.04 -4.04 31.86
N SER A 221 12.86 -3.54 32.79
CA SER A 221 12.45 -3.55 34.19
C SER A 221 11.21 -2.67 34.37
N ALA A 222 11.18 -1.55 33.64
CA ALA A 222 10.04 -0.64 33.71
C ALA A 222 8.76 -1.29 33.19
N ALA A 223 8.87 -2.03 32.09
CA ALA A 223 7.72 -2.72 31.49
C ALA A 223 7.08 -3.66 32.52
N VAL A 224 7.94 -4.46 33.16
CA VAL A 224 7.52 -5.41 34.21
C VAL A 224 6.83 -4.67 35.35
N ARG A 225 7.44 -3.58 35.82
CA ARG A 225 6.88 -2.76 36.90
C ARG A 225 5.51 -2.18 36.56
N ALA A 226 5.29 -1.87 35.29
CA ALA A 226 4.00 -1.33 34.84
C ALA A 226 2.90 -2.40 34.92
N GLY A 227 3.29 -3.67 34.84
CA GLY A 227 2.33 -4.76 34.90
C GLY A 227 2.33 -5.68 33.67
N ALA A 228 3.20 -5.38 32.71
CA ALA A 228 3.32 -6.18 31.49
C ALA A 228 4.09 -7.45 31.82
N ALA A 229 3.79 -8.54 31.13
CA ALA A 229 4.46 -9.81 31.40
C ALA A 229 5.86 -9.91 30.78
N GLY A 230 6.26 -8.91 30.01
CA GLY A 230 7.58 -8.95 29.39
C GLY A 230 7.80 -7.88 28.33
N ALA A 231 8.88 -8.01 27.59
CA ALA A 231 9.21 -7.04 26.57
C ALA A 231 9.92 -7.67 25.38
N ILE A 232 9.67 -7.10 24.20
CA ILE A 232 10.27 -7.54 22.92
C ILE A 232 11.28 -6.48 22.46
N SER A 233 12.39 -6.92 21.87
CA SER A 233 13.42 -6.00 21.39
C SER A 233 14.01 -6.51 20.07
N GLY A 234 13.87 -5.72 19.00
CA GLY A 234 14.37 -6.10 17.69
C GLY A 234 15.53 -5.29 17.13
N SER A 235 15.33 -3.99 16.94
CA SER A 235 16.39 -3.13 16.38
C SER A 235 17.71 -3.20 17.15
N ALA A 236 17.65 -3.16 18.48
CA ALA A 236 18.85 -3.21 19.29
C ALA A 236 19.63 -4.51 19.04
N ILE A 237 18.90 -5.58 18.72
CA ILE A 237 19.50 -6.89 18.45
C ILE A 237 20.09 -6.91 17.04
N VAL A 238 19.27 -6.53 16.07
CA VAL A 238 19.68 -6.52 14.67
C VAL A 238 20.86 -5.59 14.45
N LYS A 239 20.92 -4.51 15.24
CA LYS A 239 22.03 -3.57 15.11
C LYS A 239 23.36 -4.25 15.41
N ILE A 240 23.38 -5.18 16.37
CA ILE A 240 24.63 -5.88 16.71
C ILE A 240 25.09 -6.77 15.55
N ILE A 241 24.12 -7.32 14.81
CA ILE A 241 24.42 -8.15 13.64
C ILE A 241 25.04 -7.27 12.54
N GLU A 242 24.41 -6.13 12.28
CA GLU A 242 24.86 -5.17 11.28
C GLU A 242 26.29 -4.73 11.57
N LYS A 243 26.53 -4.40 12.83
CA LYS A 243 27.84 -3.95 13.29
C LYS A 243 28.98 -4.94 13.04
N ASN A 244 28.74 -6.20 13.35
CA ASN A 244 29.78 -7.22 13.24
C ASN A 244 29.74 -8.20 12.07
N LEU A 245 29.24 -7.78 10.90
CA LEU A 245 29.16 -8.66 9.73
C LEU A 245 30.48 -9.31 9.30
N ALA A 246 31.59 -8.57 9.45
CA ALA A 246 32.90 -9.09 9.05
C ALA A 246 33.56 -10.00 10.10
N SER A 247 33.01 -10.00 11.30
CA SER A 247 33.54 -10.83 12.37
C SER A 247 32.42 -11.61 13.06
N PRO A 248 32.03 -12.76 12.48
CA PRO A 248 30.97 -13.62 13.00
C PRO A 248 31.15 -13.97 14.48
N LYS A 249 32.38 -14.32 14.86
CA LYS A 249 32.70 -14.67 16.24
C LYS A 249 32.43 -13.50 17.17
N GLN A 250 32.76 -12.30 16.69
CA GLN A 250 32.58 -11.06 17.43
C GLN A 250 31.07 -10.82 17.64
N MET A 251 30.30 -11.13 16.59
CA MET A 251 28.84 -11.00 16.59
C MET A 251 28.22 -11.78 17.74
N LEU A 252 28.47 -13.08 17.75
CA LEU A 252 27.95 -13.99 18.76
C LEU A 252 28.33 -13.58 20.18
N ALA A 253 29.58 -13.18 20.37
CA ALA A 253 30.08 -12.76 21.67
C ALA A 253 29.36 -11.51 22.17
N GLU A 254 29.18 -10.53 21.28
CA GLU A 254 28.50 -9.30 21.65
C GLU A 254 26.99 -9.53 21.77
N LEU A 255 26.50 -10.49 21.01
CA LEU A 255 25.08 -10.84 21.02
C LEU A 255 24.73 -11.44 22.39
N ARG A 256 25.66 -12.25 22.90
CA ARG A 256 25.51 -12.86 24.22
C ARG A 256 25.41 -11.82 25.33
N SER A 257 26.41 -10.94 25.41
CA SER A 257 26.44 -9.92 26.45
C SER A 257 25.18 -9.06 26.53
N PHE A 258 24.62 -8.70 25.38
CA PHE A 258 23.44 -7.87 25.37
C PHE A 258 22.21 -8.57 25.93
N VAL A 259 21.91 -9.77 25.44
CA VAL A 259 20.73 -10.50 25.93
C VAL A 259 20.83 -10.99 27.38
N SER A 260 22.04 -11.18 27.89
CA SER A 260 22.25 -11.59 29.29
C SER A 260 21.87 -10.39 30.15
N ALA A 261 22.32 -9.20 29.73
CA ALA A 261 22.04 -7.96 30.44
C ALA A 261 20.54 -7.69 30.44
N MET A 262 19.93 -7.83 29.27
CA MET A 262 18.49 -7.61 29.12
C MET A 262 17.68 -8.62 29.95
N LYS A 263 18.07 -9.89 29.94
CA LYS A 263 17.39 -10.93 30.72
C LYS A 263 17.47 -10.63 32.22
N ALA A 264 18.66 -10.27 32.69
CA ALA A 264 18.89 -9.96 34.10
C ALA A 264 17.94 -8.87 34.60
N ALA A 265 17.58 -7.95 33.70
CA ALA A 265 16.68 -6.85 34.01
C ALA A 265 15.21 -7.23 34.24
N SER A 266 14.84 -8.47 33.91
CA SER A 266 13.45 -8.91 34.07
C SER A 266 13.23 -9.67 35.37
N ARG A 267 14.28 -9.78 36.17
CA ARG A 267 14.23 -10.47 37.44
C ARG A 267 13.85 -9.42 38.48
N THR B 3 -18.13 0.86 9.69
CA THR B 3 -17.84 2.07 8.88
C THR B 3 -19.17 2.59 8.38
N LEU B 4 -19.20 3.83 7.90
CA LEU B 4 -20.44 4.43 7.38
C LEU B 4 -20.75 3.94 5.95
N LEU B 5 -19.72 3.61 5.20
CA LEU B 5 -19.86 3.11 3.82
C LEU B 5 -19.22 1.72 3.71
N ASN B 6 -19.52 1.03 2.61
CA ASN B 6 -19.01 -0.32 2.36
C ASN B 6 -17.57 -0.24 1.86
N PRO B 7 -16.63 -0.92 2.53
CA PRO B 7 -15.21 -0.91 2.10
C PRO B 7 -14.90 -1.84 0.94
N TYR B 8 -15.86 -2.69 0.58
CA TYR B 8 -15.66 -3.66 -0.47
C TYR B 8 -16.53 -3.50 -1.69
N PHE B 9 -15.96 -3.93 -2.82
CA PHE B 9 -16.61 -3.93 -4.12
C PHE B 9 -16.53 -5.42 -4.40
N GLY B 10 -17.53 -6.15 -3.90
CA GLY B 10 -17.54 -7.59 -4.05
C GLY B 10 -16.45 -8.15 -3.13
N GLU B 11 -15.55 -8.95 -3.67
CA GLU B 11 -14.43 -9.54 -2.95
C GLU B 11 -13.22 -8.58 -2.84
N PHE B 12 -13.22 -7.52 -3.64
CA PHE B 12 -12.09 -6.61 -3.67
C PHE B 12 -12.17 -5.37 -2.79
N GLY B 13 -11.01 -4.90 -2.36
CA GLY B 13 -10.96 -3.70 -1.52
C GLY B 13 -10.48 -3.96 -0.12
N GLY B 14 -11.15 -3.35 0.85
CA GLY B 14 -10.78 -3.55 2.23
C GLY B 14 -10.03 -2.42 2.91
N MET B 15 -9.44 -2.76 4.06
CA MET B 15 -8.76 -1.80 4.90
C MET B 15 -7.56 -2.51 5.55
N TYR B 16 -6.65 -3.03 4.75
CA TYR B 16 -5.50 -3.75 5.30
C TYR B 16 -4.30 -2.87 5.68
N VAL B 17 -4.44 -2.16 6.79
CA VAL B 17 -3.36 -1.32 7.32
C VAL B 17 -3.14 -1.68 8.79
N PRO B 18 -1.97 -1.32 9.35
CA PRO B 18 -1.73 -1.64 10.75
C PRO B 18 -2.82 -1.01 11.62
N GLN B 19 -3.10 -1.62 12.77
CA GLN B 19 -4.12 -1.10 13.70
C GLN B 19 -3.99 0.41 13.99
N ILE B 20 -2.76 0.88 14.14
CA ILE B 20 -2.46 2.29 14.44
C ILE B 20 -3.05 3.32 13.43
N LEU B 21 -3.21 2.91 12.18
CA LEU B 21 -3.76 3.80 11.14
C LEU B 21 -5.29 3.70 10.94
N MET B 22 -5.95 2.83 11.69
CA MET B 22 -7.38 2.63 11.52
C MET B 22 -8.19 3.89 11.90
N PRO B 23 -7.85 4.54 13.03
CA PRO B 23 -8.62 5.74 13.38
C PRO B 23 -8.47 6.88 12.35
N ALA B 24 -7.34 6.89 11.65
CA ALA B 24 -7.07 7.89 10.62
C ALA B 24 -8.04 7.67 9.45
N LEU B 25 -8.25 6.41 9.08
CA LEU B 25 -9.14 6.06 7.99
C LEU B 25 -10.62 6.32 8.33
N ASN B 26 -11.02 6.06 9.58
CA ASN B 26 -12.41 6.27 10.00
C ASN B 26 -12.69 7.78 10.04
N GLN B 27 -11.67 8.54 10.42
CA GLN B 27 -11.76 10.00 10.50
C GLN B 27 -12.03 10.53 9.09
N LEU B 28 -11.14 10.17 8.16
CA LEU B 28 -11.26 10.60 6.78
C LEU B 28 -12.64 10.29 6.18
N GLU B 29 -13.09 9.04 6.35
CA GLU B 29 -14.40 8.60 5.85
C GLU B 29 -15.54 9.50 6.32
N GLU B 30 -15.55 9.78 7.62
CA GLU B 30 -16.59 10.59 8.23
C GLU B 30 -16.56 12.04 7.74
N ALA B 31 -15.36 12.58 7.53
CA ALA B 31 -15.21 13.94 7.04
C ALA B 31 -15.74 13.99 5.58
N PHE B 32 -15.57 12.90 4.85
CA PHE B 32 -16.02 12.81 3.46
C PHE B 32 -17.54 12.73 3.35
N VAL B 33 -18.16 11.94 4.22
CA VAL B 33 -19.61 11.82 4.22
C VAL B 33 -20.24 13.19 4.51
N ARG B 34 -19.66 13.90 5.47
CA ARG B 34 -20.13 15.23 5.83
C ARG B 34 -19.93 16.24 4.70
N ALA B 35 -18.72 16.28 4.17
CA ALA B 35 -18.35 17.19 3.09
C ALA B 35 -19.35 17.07 1.96
N GLN B 36 -19.56 15.82 1.55
CA GLN B 36 -20.49 15.48 0.48
C GLN B 36 -21.93 15.98 0.68
N LYS B 37 -22.28 16.29 1.91
CA LYS B 37 -23.62 16.76 2.23
C LYS B 37 -23.64 18.28 2.39
N ASP B 38 -22.44 18.85 2.55
CA ASP B 38 -22.28 20.28 2.77
C ASP B 38 -22.29 21.11 1.48
N PRO B 39 -23.37 21.88 1.27
CA PRO B 39 -23.48 22.71 0.06
C PRO B 39 -22.36 23.75 -0.02
N GLU B 40 -21.82 24.15 1.15
CA GLU B 40 -20.73 25.11 1.20
C GLU B 40 -19.41 24.47 0.75
N PHE B 41 -19.23 23.18 1.05
CA PHE B 41 -18.01 22.47 0.62
C PHE B 41 -18.14 22.33 -0.89
N GLN B 42 -19.30 21.88 -1.32
CA GLN B 42 -19.61 21.67 -2.72
C GLN B 42 -19.39 22.94 -3.56
N ALA B 43 -19.87 24.08 -3.07
CA ALA B 43 -19.72 25.35 -3.78
C ALA B 43 -18.25 25.78 -3.86
N GLN B 44 -17.49 25.52 -2.80
CA GLN B 44 -16.07 25.86 -2.81
C GLN B 44 -15.31 24.96 -3.79
N PHE B 45 -15.58 23.66 -3.75
CA PHE B 45 -14.92 22.69 -4.64
C PHE B 45 -15.22 23.07 -6.10
N ALA B 46 -16.49 23.40 -6.38
CA ALA B 46 -16.93 23.80 -7.72
C ALA B 46 -16.19 25.05 -8.24
N ASP B 47 -16.11 26.09 -7.42
CA ASP B 47 -15.44 27.34 -7.78
C ASP B 47 -13.96 27.10 -8.13
N LEU B 48 -13.27 26.29 -7.33
CA LEU B 48 -11.86 25.97 -7.59
C LEU B 48 -11.68 25.22 -8.92
N LEU B 49 -12.61 24.33 -9.23
CA LEU B 49 -12.53 23.57 -10.47
C LEU B 49 -12.73 24.47 -11.72
N LYS B 50 -13.72 25.35 -11.63
CA LYS B 50 -14.07 26.25 -12.72
C LYS B 50 -13.07 27.37 -12.94
N ASN B 51 -12.90 28.21 -11.93
CA ASN B 51 -12.01 29.36 -12.01
C ASN B 51 -10.52 29.15 -11.86
N TYR B 52 -10.11 28.01 -11.32
CA TYR B 52 -8.69 27.75 -11.15
C TYR B 52 -8.17 26.61 -12.06
N ALA B 53 -8.93 25.51 -12.14
CA ALA B 53 -8.50 24.38 -12.96
C ALA B 53 -8.88 24.40 -14.45
N GLY B 54 -9.96 25.12 -14.81
CA GLY B 54 -10.37 25.21 -16.21
C GLY B 54 -11.59 24.38 -16.60
N ARG B 55 -12.36 23.98 -15.60
CA ARG B 55 -13.56 23.18 -15.75
C ARG B 55 -14.71 24.03 -16.30
N PRO B 56 -15.53 23.48 -17.22
CA PRO B 56 -15.47 22.12 -17.77
C PRO B 56 -14.47 22.04 -18.93
N THR B 57 -13.87 20.86 -19.10
CA THR B 57 -12.92 20.64 -20.18
C THR B 57 -13.73 20.34 -21.45
N ALA B 58 -13.12 20.55 -22.61
CA ALA B 58 -13.79 20.33 -23.88
C ALA B 58 -13.98 18.85 -24.27
N LEU B 59 -14.84 18.64 -25.26
CA LEU B 59 -15.11 17.32 -25.83
C LEU B 59 -14.89 17.57 -27.34
N THR B 60 -13.77 17.10 -27.86
CA THR B 60 -13.37 17.32 -29.26
C THR B 60 -13.67 16.19 -30.25
N LYS B 61 -14.38 16.48 -31.33
CA LYS B 61 -14.62 15.47 -32.36
C LYS B 61 -13.40 15.31 -33.26
N CYS B 62 -12.95 14.09 -33.44
CA CYS B 62 -11.79 13.81 -34.29
C CYS B 62 -12.27 13.35 -35.66
N GLN B 63 -12.44 14.29 -36.57
CA GLN B 63 -12.92 13.99 -37.93
C GLN B 63 -11.86 13.39 -38.84
N ASN B 64 -10.67 13.97 -38.85
CA ASN B 64 -9.58 13.48 -39.69
C ASN B 64 -9.20 12.05 -39.41
N ILE B 65 -9.07 11.75 -38.13
CA ILE B 65 -8.67 10.42 -37.71
C ILE B 65 -9.63 9.29 -38.12
N THR B 66 -10.93 9.57 -38.19
CA THR B 66 -11.90 8.55 -38.54
C THR B 66 -12.43 8.59 -39.97
N ALA B 67 -11.73 9.30 -40.84
CA ALA B 67 -12.14 9.43 -42.23
C ALA B 67 -12.10 8.09 -42.97
N GLY B 68 -13.17 7.79 -43.71
CA GLY B 68 -13.25 6.55 -44.47
C GLY B 68 -13.78 5.35 -43.70
N THR B 69 -14.23 5.57 -42.47
CA THR B 69 -14.77 4.51 -41.63
C THR B 69 -16.12 4.98 -41.13
N ARG B 70 -16.82 4.13 -40.38
CA ARG B 70 -18.13 4.46 -39.85
C ARG B 70 -18.07 4.76 -38.35
N THR B 71 -16.88 5.06 -37.83
CA THR B 71 -16.68 5.39 -36.43
C THR B 71 -16.70 6.92 -36.24
N THR B 72 -17.29 7.39 -35.14
CA THR B 72 -17.31 8.80 -34.78
C THR B 72 -16.58 8.82 -33.43
N LEU B 73 -15.40 9.41 -33.39
CA LEU B 73 -14.57 9.50 -32.19
C LEU B 73 -14.54 10.94 -31.64
N TYR B 74 -14.65 11.04 -30.31
CA TYR B 74 -14.61 12.30 -29.56
C TYR B 74 -13.56 12.05 -28.47
N LEU B 75 -12.92 13.12 -28.00
CA LEU B 75 -11.90 12.98 -26.94
C LEU B 75 -12.21 13.93 -25.78
N LYS B 76 -12.19 13.39 -24.54
CA LYS B 76 -12.40 14.21 -23.33
C LYS B 76 -11.08 14.93 -23.07
N ARG B 77 -11.15 16.25 -23.15
CA ARG B 77 -9.98 17.10 -23.04
C ARG B 77 -9.36 17.35 -21.67
N GLU B 78 -9.02 16.26 -21.00
CA GLU B 78 -8.43 16.33 -19.67
C GLU B 78 -7.00 16.87 -19.78
N ASP B 79 -6.43 16.82 -20.98
CA ASP B 79 -5.08 17.34 -21.23
C ASP B 79 -5.03 18.87 -21.18
N LEU B 80 -6.21 19.50 -21.12
CA LEU B 80 -6.35 20.96 -21.07
C LEU B 80 -6.53 21.49 -19.64
N LEU B 81 -6.60 20.58 -18.67
CA LEU B 81 -6.75 20.91 -17.25
C LEU B 81 -5.45 21.52 -16.75
N HIS B 82 -5.54 22.44 -15.80
CA HIS B 82 -4.33 23.05 -15.24
C HIS B 82 -3.41 21.95 -14.68
N GLY B 83 -2.18 21.88 -15.17
CA GLY B 83 -1.25 20.87 -14.70
C GLY B 83 -0.98 19.83 -15.77
N GLY B 84 -1.86 19.79 -16.76
CA GLY B 84 -1.69 18.85 -17.85
C GLY B 84 -2.28 17.47 -17.70
N ALA B 85 -2.99 17.19 -16.60
CA ALA B 85 -3.58 15.87 -16.39
C ALA B 85 -4.81 15.92 -15.50
N HIS B 86 -5.59 14.86 -15.57
CA HIS B 86 -6.83 14.70 -14.78
C HIS B 86 -6.58 14.74 -13.27
N LYS B 87 -5.38 14.32 -12.88
CA LYS B 87 -4.95 14.22 -11.48
C LYS B 87 -5.30 15.44 -10.63
N THR B 88 -5.40 16.60 -11.27
CA THR B 88 -5.71 17.86 -10.61
C THR B 88 -7.07 17.96 -9.92
N ASN B 89 -8.12 17.39 -10.52
CA ASN B 89 -9.46 17.49 -9.91
C ASN B 89 -9.46 16.94 -8.47
N GLN B 90 -8.92 15.74 -8.37
CA GLN B 90 -8.76 14.92 -7.18
C GLN B 90 -8.06 15.60 -6.01
N VAL B 91 -6.82 16.01 -6.23
CA VAL B 91 -6.00 16.64 -5.20
C VAL B 91 -6.59 17.90 -4.61
N LEU B 92 -7.43 18.61 -5.36
CA LEU B 92 -8.05 19.82 -4.84
C LEU B 92 -9.07 19.42 -3.78
N GLY B 93 -9.89 18.42 -4.11
CA GLY B 93 -10.90 17.96 -3.17
C GLY B 93 -10.27 17.41 -1.90
N GLN B 94 -9.26 16.56 -2.07
CA GLN B 94 -8.57 15.93 -0.94
C GLN B 94 -7.93 17.02 -0.06
N ALA B 95 -7.41 18.07 -0.69
CA ALA B 95 -6.79 19.16 0.06
C ALA B 95 -7.86 19.89 0.88
N LEU B 96 -9.03 20.09 0.29
CA LEU B 96 -10.13 20.76 1.01
C LEU B 96 -10.61 19.89 2.18
N LEU B 97 -10.45 18.57 2.03
CA LEU B 97 -10.84 17.62 3.05
C LEU B 97 -9.87 17.71 4.22
N ALA B 98 -8.57 17.73 3.90
CA ALA B 98 -7.52 17.85 4.92
C ALA B 98 -7.76 19.12 5.74
N LYS B 99 -8.06 20.19 5.04
CA LYS B 99 -8.33 21.49 5.64
C LYS B 99 -9.55 21.38 6.57
N ARG B 100 -10.59 20.74 6.08
CA ARG B 100 -11.83 20.53 6.85
C ARG B 100 -11.57 19.79 8.15
N MET B 101 -10.60 18.90 8.12
CA MET B 101 -10.22 18.07 9.26
C MET B 101 -9.32 18.79 10.27
N GLY B 102 -8.84 19.98 9.90
CA GLY B 102 -7.96 20.74 10.77
C GLY B 102 -6.51 20.40 10.50
N LYS B 103 -6.26 19.69 9.43
CA LYS B 103 -4.91 19.31 9.06
C LYS B 103 -4.18 20.43 8.31
N SER B 104 -2.86 20.52 8.53
CA SER B 104 -2.03 21.54 7.92
C SER B 104 -0.83 20.97 7.14
N GLU B 105 -0.75 19.65 7.07
CA GLU B 105 0.37 18.99 6.41
C GLU B 105 -0.13 17.95 5.42
N ILE B 106 0.58 17.78 4.31
CA ILE B 106 0.23 16.81 3.27
C ILE B 106 1.42 15.87 3.01
N ILE B 107 1.14 14.57 2.90
CA ILE B 107 2.17 13.57 2.60
C ILE B 107 1.80 13.01 1.23
N ALA B 108 2.77 12.96 0.32
CA ALA B 108 2.50 12.46 -1.02
C ALA B 108 3.47 11.44 -1.56
N GLU B 109 2.91 10.65 -2.46
CA GLU B 109 3.50 9.54 -3.15
C GLU B 109 3.56 9.87 -4.66
N THR B 110 4.68 9.60 -5.31
CA THR B 110 4.77 9.85 -6.75
C THR B 110 5.81 8.99 -7.46
N GLY B 111 5.44 8.55 -8.65
CA GLY B 111 6.34 7.73 -9.45
C GLY B 111 6.94 8.56 -10.55
N ALA B 112 6.18 8.73 -11.64
CA ALA B 112 6.60 9.51 -12.79
C ALA B 112 6.73 11.00 -12.46
N GLY B 113 6.06 11.44 -11.39
CA GLY B 113 6.12 12.84 -11.01
C GLY B 113 4.81 13.58 -11.03
N GLN B 114 3.88 13.15 -11.88
CA GLN B 114 2.59 13.81 -11.99
C GLN B 114 1.82 14.03 -10.70
N HIS B 115 1.63 12.98 -9.91
CA HIS B 115 0.90 13.16 -8.64
C HIS B 115 1.68 14.12 -7.75
N GLY B 116 3.01 14.05 -7.81
CA GLY B 116 3.83 14.92 -7.00
C GLY B 116 3.60 16.40 -7.30
N VAL B 117 3.57 16.73 -8.59
CA VAL B 117 3.35 18.09 -9.08
C VAL B 117 1.94 18.56 -8.70
N ALA B 118 0.95 17.69 -8.89
CA ALA B 118 -0.43 18.01 -8.55
C ALA B 118 -0.64 18.22 -7.03
N SER B 119 0.01 17.41 -6.20
CA SER B 119 -0.11 17.55 -4.75
C SER B 119 0.57 18.87 -4.35
N ALA B 120 1.74 19.11 -4.91
CA ALA B 120 2.50 20.32 -4.64
C ALA B 120 1.72 21.60 -4.99
N LEU B 121 1.05 21.63 -6.14
CA LEU B 121 0.29 22.82 -6.53
C LEU B 121 -0.95 23.07 -5.68
N ALA B 122 -1.64 21.99 -5.30
CA ALA B 122 -2.84 22.12 -4.47
C ALA B 122 -2.49 22.67 -3.10
N SER B 123 -1.38 22.20 -2.55
CA SER B 123 -0.92 22.62 -1.24
C SER B 123 -0.47 24.07 -1.24
N ALA B 124 0.20 24.50 -2.32
CA ALA B 124 0.66 25.88 -2.42
C ALA B 124 -0.56 26.80 -2.45
N LEU B 125 -1.54 26.46 -3.26
CA LEU B 125 -2.76 27.26 -3.36
C LEU B 125 -3.52 27.31 -2.04
N LEU B 126 -3.68 26.15 -1.40
CA LEU B 126 -4.44 26.09 -0.16
C LEU B 126 -3.67 26.29 1.15
N GLY B 127 -2.39 26.63 1.07
CA GLY B 127 -1.58 26.87 2.25
C GLY B 127 -1.28 25.69 3.15
N LEU B 128 -0.85 24.57 2.57
CA LEU B 128 -0.52 23.36 3.33
C LEU B 128 0.95 23.01 3.09
N LYS B 129 1.59 22.43 4.09
CA LYS B 129 3.00 22.02 3.99
C LYS B 129 3.05 20.63 3.31
N CYS B 130 3.69 20.54 2.16
CA CYS B 130 3.74 19.29 1.40
C CYS B 130 5.07 18.55 1.48
N ARG B 131 4.97 17.25 1.76
CA ARG B 131 6.10 16.29 1.90
C ARG B 131 5.88 15.24 0.80
N ILE B 132 6.89 14.98 -0.02
CA ILE B 132 6.74 14.04 -1.12
C ILE B 132 7.84 12.99 -1.18
N TYR B 133 7.42 11.72 -1.25
CA TYR B 133 8.35 10.59 -1.31
C TYR B 133 8.50 10.04 -2.72
N MET B 134 9.74 9.99 -3.18
CA MET B 134 10.07 9.51 -4.52
C MET B 134 11.28 8.57 -4.53
N GLY B 135 11.12 7.40 -5.16
CA GLY B 135 12.20 6.45 -5.23
C GLY B 135 13.41 7.08 -5.90
N ALA B 136 14.59 6.87 -5.33
CA ALA B 136 15.84 7.42 -5.86
C ALA B 136 16.03 7.19 -7.37
N LYS B 137 15.52 6.08 -7.86
CA LYS B 137 15.62 5.75 -9.29
C LYS B 137 14.75 6.70 -10.08
N ASP B 138 13.52 6.90 -9.62
CA ASP B 138 12.58 7.80 -10.26
C ASP B 138 13.04 9.26 -10.15
N VAL B 139 13.66 9.62 -9.03
CA VAL B 139 14.15 10.99 -8.82
C VAL B 139 15.16 11.34 -9.91
N GLU B 140 16.12 10.44 -10.12
CA GLU B 140 17.17 10.59 -11.12
C GLU B 140 16.58 10.61 -12.55
N ARG B 141 15.57 9.76 -12.75
CA ARG B 141 14.86 9.58 -14.00
C ARG B 141 13.89 10.72 -14.35
N GLN B 142 13.50 11.49 -13.34
CA GLN B 142 12.52 12.55 -13.55
C GLN B 142 12.88 13.93 -13.01
N SER B 143 14.08 14.39 -13.36
CA SER B 143 14.58 15.70 -12.93
C SER B 143 13.63 16.88 -13.19
N PRO B 144 12.98 16.95 -14.37
CA PRO B 144 12.07 18.07 -14.63
C PRO B 144 10.94 18.19 -13.59
N ASN B 145 10.23 17.10 -13.33
CA ASN B 145 9.17 17.14 -12.33
C ASN B 145 9.67 17.42 -10.91
N VAL B 146 10.86 16.94 -10.58
CA VAL B 146 11.44 17.18 -9.25
C VAL B 146 11.71 18.67 -9.04
N PHE B 147 12.17 19.36 -10.08
CA PHE B 147 12.45 20.79 -9.98
C PHE B 147 11.15 21.58 -9.91
N ARG B 148 10.13 21.08 -10.60
CA ARG B 148 8.82 21.71 -10.66
C ARG B 148 8.24 21.67 -9.25
N MET B 149 8.35 20.51 -8.63
CA MET B 149 7.84 20.25 -7.28
C MET B 149 8.44 21.20 -6.24
N ARG B 150 9.76 21.28 -6.26
CA ARG B 150 10.51 22.10 -5.32
C ARG B 150 10.20 23.59 -5.53
N LEU B 151 10.10 24.00 -6.79
CA LEU B 151 9.80 25.38 -7.19
C LEU B 151 8.43 25.79 -6.67
N MET B 152 7.57 24.79 -6.44
CA MET B 152 6.22 24.99 -5.93
C MET B 152 6.16 24.90 -4.39
N GLY B 153 7.34 24.91 -3.76
CA GLY B 153 7.43 24.86 -2.30
C GLY B 153 7.41 23.50 -1.62
N ALA B 154 7.32 22.41 -2.38
CA ALA B 154 7.26 21.07 -1.81
C ALA B 154 8.62 20.45 -1.48
N GLU B 155 8.64 19.62 -0.43
CA GLU B 155 9.83 18.90 0.02
C GLU B 155 9.87 17.56 -0.67
N VAL B 156 10.94 17.29 -1.41
CA VAL B 156 11.07 16.02 -2.12
C VAL B 156 12.05 15.15 -1.36
N ILE B 157 11.65 13.92 -1.07
CA ILE B 157 12.47 12.97 -0.31
C ILE B 157 12.70 11.65 -1.05
N PRO B 158 13.96 11.38 -1.45
CA PRO B 158 14.30 10.15 -2.15
C PRO B 158 14.29 8.93 -1.24
N VAL B 159 13.59 7.87 -1.65
CA VAL B 159 13.55 6.63 -0.88
C VAL B 159 14.48 5.62 -1.57
N HIS B 160 15.51 5.17 -0.87
CA HIS B 160 16.47 4.23 -1.45
C HIS B 160 16.21 2.77 -1.11
N SER B 161 15.14 2.51 -0.36
CA SER B 161 14.79 1.16 0.06
C SER B 161 14.12 0.30 -1.01
N GLY B 162 14.39 -1.01 -0.96
CA GLY B 162 13.82 -1.96 -1.90
C GLY B 162 14.29 -1.73 -3.31
N SER B 163 13.34 -1.51 -4.23
CA SER B 163 13.67 -1.26 -5.62
C SER B 163 13.74 0.24 -5.95
N ALA B 164 13.62 1.08 -4.91
CA ALA B 164 13.67 2.54 -5.06
C ALA B 164 12.78 3.07 -6.20
N THR B 165 11.51 2.70 -6.19
CA THR B 165 10.53 3.16 -7.19
C THR B 165 9.19 3.37 -6.50
N LEU B 166 8.11 3.54 -7.27
CA LEU B 166 6.79 3.80 -6.73
C LEU B 166 6.42 2.96 -5.48
N LYS B 167 6.63 1.63 -5.57
CA LYS B 167 6.34 0.66 -4.50
C LYS B 167 6.89 1.11 -3.15
N ASP B 168 8.18 1.42 -3.17
CA ASP B 168 8.93 1.84 -2.01
C ASP B 168 8.57 3.25 -1.57
N ALA B 169 8.08 4.06 -2.52
CA ALA B 169 7.65 5.42 -2.18
C ALA B 169 6.34 5.24 -1.38
N CYS B 170 5.46 4.37 -1.87
CA CYS B 170 4.19 4.06 -1.22
C CYS B 170 4.43 3.58 0.24
N ASN B 171 5.49 2.80 0.43
CA ASN B 171 5.83 2.28 1.76
C ASN B 171 6.25 3.35 2.75
N GLU B 172 7.25 4.14 2.36
CA GLU B 172 7.76 5.22 3.20
C GLU B 172 6.70 6.24 3.61
N ALA B 173 5.71 6.43 2.75
CA ALA B 173 4.61 7.36 3.01
C ALA B 173 3.72 6.86 4.14
N LEU B 174 3.43 5.56 4.15
CA LEU B 174 2.60 4.95 5.19
C LEU B 174 3.36 4.90 6.51
N ARG B 175 4.67 4.66 6.40
CA ARG B 175 5.55 4.61 7.55
C ARG B 175 5.44 6.00 8.20
N ASP B 176 5.64 7.04 7.39
CA ASP B 176 5.55 8.40 7.86
C ASP B 176 4.17 8.64 8.47
N TRP B 177 3.12 8.32 7.70
CA TRP B 177 1.74 8.53 8.16
C TRP B 177 1.40 7.81 9.47
N SER B 178 2.01 6.67 9.73
CA SER B 178 1.72 5.92 10.95
C SER B 178 2.18 6.67 12.20
N GLY B 179 3.08 7.63 11.99
CA GLY B 179 3.58 8.42 13.09
C GLY B 179 3.13 9.87 13.10
N SER B 180 2.58 10.36 11.98
CA SER B 180 2.16 11.76 11.91
C SER B 180 0.68 12.04 11.62
N TYR B 181 -0.12 10.98 11.46
CA TYR B 181 -1.56 11.13 11.15
C TYR B 181 -2.35 12.19 11.94
N GLU B 182 -1.81 12.63 13.06
CA GLU B 182 -2.51 13.62 13.88
C GLU B 182 -2.39 15.04 13.34
N THR B 183 -1.33 15.33 12.60
CA THR B 183 -1.13 16.66 12.02
C THR B 183 -1.15 16.66 10.49
N ALA B 184 -0.75 15.53 9.90
CA ALA B 184 -0.67 15.35 8.45
C ALA B 184 -1.77 14.49 7.81
N HIS B 185 -2.05 14.76 6.54
CA HIS B 185 -3.03 13.97 5.80
C HIS B 185 -2.29 13.37 4.61
N TYR B 186 -2.52 12.07 4.36
CA TYR B 186 -1.89 11.38 3.26
C TYR B 186 -2.71 11.53 1.97
N MET B 187 -2.14 12.16 0.94
CA MET B 187 -2.83 12.37 -0.34
C MET B 187 -2.49 11.25 -1.31
N LEU B 188 -3.27 10.17 -1.27
CA LEU B 188 -3.04 9.01 -2.12
C LEU B 188 -3.35 9.41 -3.58
N GLY B 189 -2.49 8.96 -4.51
CA GLY B 189 -2.64 9.34 -5.90
C GLY B 189 -3.47 8.59 -6.92
N THR B 190 -4.23 7.58 -6.50
CA THR B 190 -5.05 6.84 -7.45
C THR B 190 -6.25 6.24 -6.75
N ALA B 191 -7.15 5.64 -7.53
CA ALA B 191 -8.38 5.03 -6.99
C ALA B 191 -8.10 3.62 -6.48
N ALA B 192 -7.14 3.51 -5.57
CA ALA B 192 -6.74 2.24 -4.98
C ALA B 192 -6.30 2.51 -3.54
N GLY B 193 -5.82 1.48 -2.86
CA GLY B 193 -5.40 1.63 -1.48
C GLY B 193 -6.54 1.26 -0.54
N PRO B 194 -6.37 1.46 0.76
CA PRO B 194 -7.39 1.13 1.75
C PRO B 194 -8.57 2.10 1.69
N HIS B 195 -9.76 1.58 1.94
CA HIS B 195 -10.96 2.40 1.96
C HIS B 195 -10.66 3.46 3.01
N PRO B 196 -11.20 4.67 2.88
CA PRO B 196 -12.09 5.17 1.84
C PRO B 196 -11.47 5.81 0.60
N TYR B 197 -10.19 5.58 0.35
CA TYR B 197 -9.53 6.17 -0.83
C TYR B 197 -10.14 5.82 -2.20
N PRO B 198 -10.43 4.53 -2.48
CA PRO B 198 -11.01 4.20 -3.79
C PRO B 198 -12.34 4.91 -4.05
N THR B 199 -13.14 5.07 -2.99
CA THR B 199 -14.43 5.73 -3.08
C THR B 199 -14.27 7.26 -3.21
N ILE B 200 -13.39 7.83 -2.40
CA ILE B 200 -13.17 9.29 -2.42
C ILE B 200 -12.57 9.76 -3.76
N VAL B 201 -11.55 9.06 -4.27
CA VAL B 201 -10.92 9.44 -5.54
C VAL B 201 -11.93 9.39 -6.71
N ARG B 202 -12.79 8.37 -6.74
CA ARG B 202 -13.83 8.26 -7.75
C ARG B 202 -14.74 9.47 -7.69
N GLU B 203 -15.32 9.67 -6.52
CA GLU B 203 -16.22 10.78 -6.31
C GLU B 203 -15.64 12.14 -6.71
N PHE B 204 -14.35 12.36 -6.43
CA PHE B 204 -13.66 13.61 -6.78
C PHE B 204 -13.10 13.61 -8.22
N GLN B 205 -13.51 12.63 -9.02
CA GLN B 205 -13.07 12.48 -10.41
C GLN B 205 -14.29 12.24 -11.32
N ARG B 206 -15.47 12.20 -10.69
CA ARG B 206 -16.77 11.99 -11.34
C ARG B 206 -17.21 13.02 -12.42
N MET B 207 -16.75 14.26 -12.25
CA MET B 207 -17.08 15.39 -13.13
C MET B 207 -16.88 14.94 -14.57
N ILE B 208 -15.78 14.25 -14.80
CA ILE B 208 -15.39 13.78 -16.13
C ILE B 208 -16.51 13.14 -16.92
N GLY B 209 -17.00 12.00 -16.46
CA GLY B 209 -18.08 11.32 -17.15
C GLY B 209 -19.38 12.12 -17.12
N GLU B 210 -19.57 12.87 -16.04
CA GLU B 210 -20.78 13.69 -15.86
C GLU B 210 -20.88 14.76 -16.96
N GLU B 211 -19.75 15.39 -17.22
CA GLU B 211 -19.61 16.44 -18.22
C GLU B 211 -19.73 15.80 -19.60
N THR B 212 -19.02 14.67 -19.80
CA THR B 212 -19.06 13.92 -21.07
C THR B 212 -20.49 13.56 -21.48
N LYS B 213 -21.31 13.12 -20.51
CA LYS B 213 -22.71 12.78 -20.80
C LYS B 213 -23.50 13.92 -21.40
N ALA B 214 -23.58 15.03 -20.67
CA ALA B 214 -24.31 16.20 -21.12
C ALA B 214 -23.77 16.69 -22.47
N GLN B 215 -22.45 16.68 -22.57
CA GLN B 215 -21.72 17.14 -23.73
C GLN B 215 -22.07 16.31 -24.99
N ILE B 216 -22.00 14.98 -24.89
CA ILE B 216 -22.33 14.11 -26.02
C ILE B 216 -23.84 14.17 -26.32
N LEU B 217 -24.64 14.30 -25.27
CA LEU B 217 -26.09 14.39 -25.41
C LEU B 217 -26.45 15.64 -26.21
N ASP B 218 -25.71 16.71 -25.98
CA ASP B 218 -25.94 17.97 -26.68
C ASP B 218 -25.52 17.89 -28.14
N LYS B 219 -24.33 17.34 -28.35
CA LYS B 219 -23.73 17.26 -29.69
C LYS B 219 -24.24 16.14 -30.60
N GLU B 220 -24.77 15.08 -30.01
CA GLU B 220 -25.24 13.92 -30.77
C GLU B 220 -26.64 13.43 -30.38
N GLY B 221 -27.16 13.91 -29.23
CA GLY B 221 -28.48 13.51 -28.75
C GLY B 221 -28.59 12.03 -28.48
N ARG B 222 -27.49 11.44 -28.02
CA ARG B 222 -27.44 10.01 -27.78
C ARG B 222 -26.27 9.77 -26.85
N LEU B 223 -26.32 8.68 -26.08
CA LEU B 223 -25.21 8.33 -25.19
C LEU B 223 -24.22 7.58 -26.07
N PRO B 224 -22.93 7.57 -25.70
CA PRO B 224 -21.98 6.85 -26.54
C PRO B 224 -22.19 5.35 -26.53
N ASP B 225 -21.57 4.67 -27.48
CA ASP B 225 -21.65 3.21 -27.54
C ASP B 225 -20.63 2.66 -26.55
N ALA B 226 -19.52 3.39 -26.36
CA ALA B 226 -18.47 2.97 -25.46
C ALA B 226 -17.53 4.12 -25.07
N VAL B 227 -17.04 4.08 -23.82
CA VAL B 227 -16.10 5.06 -23.30
C VAL B 227 -14.85 4.25 -22.93
N ILE B 228 -13.68 4.73 -23.37
CA ILE B 228 -12.39 4.04 -23.19
C ILE B 228 -11.38 4.85 -22.37
N ALA B 229 -10.59 4.18 -21.54
CA ALA B 229 -9.62 4.88 -20.70
C ALA B 229 -8.48 3.99 -20.25
N CYS B 230 -7.28 4.53 -20.12
CA CYS B 230 -6.15 3.75 -19.68
C CYS B 230 -6.29 3.49 -18.18
N VAL B 231 -5.65 2.42 -17.72
CA VAL B 231 -5.69 2.01 -16.32
C VAL B 231 -4.31 1.79 -15.74
N GLY B 232 -3.82 2.77 -14.98
CA GLY B 232 -2.52 2.64 -14.32
C GLY B 232 -2.86 2.16 -12.91
N GLY B 233 -3.63 2.99 -12.22
CA GLY B 233 -4.10 2.69 -10.88
C GLY B 233 -5.62 2.68 -10.91
N GLY B 234 -6.19 3.36 -11.91
CA GLY B 234 -7.63 3.43 -12.08
C GLY B 234 -8.40 4.72 -11.89
N SER B 235 -7.76 5.82 -11.47
CA SER B 235 -8.50 7.07 -11.23
C SER B 235 -9.20 7.73 -12.43
N ASN B 236 -8.48 7.92 -13.55
CA ASN B 236 -9.10 8.55 -14.71
C ASN B 236 -10.18 7.67 -15.33
N ALA B 237 -9.93 6.36 -15.33
CA ALA B 237 -10.87 5.39 -15.87
C ALA B 237 -12.17 5.40 -15.09
N ILE B 238 -12.08 5.27 -13.77
CA ILE B 238 -13.31 5.25 -12.97
C ILE B 238 -14.07 6.58 -13.05
N GLY B 239 -13.34 7.71 -13.15
CA GLY B 239 -13.95 9.01 -13.25
C GLY B 239 -14.80 9.13 -14.50
N MET B 240 -14.29 8.59 -15.60
CA MET B 240 -15.05 8.55 -16.85
C MET B 240 -16.25 7.61 -16.69
N PHE B 241 -16.00 6.41 -16.19
CA PHE B 241 -17.03 5.38 -16.01
C PHE B 241 -18.24 5.73 -15.15
N ALA B 242 -17.97 6.11 -13.90
CA ALA B 242 -19.00 6.37 -12.90
C ALA B 242 -20.41 6.79 -13.31
N ASP B 243 -20.53 7.93 -13.97
CA ASP B 243 -21.86 8.40 -14.36
C ASP B 243 -22.59 7.51 -15.36
N PHE B 244 -21.86 6.64 -16.05
CA PHE B 244 -22.44 5.74 -17.06
C PHE B 244 -22.69 4.31 -16.57
N ILE B 245 -22.35 4.02 -15.33
CA ILE B 245 -22.51 2.68 -14.76
C ILE B 245 -23.96 2.21 -14.81
N ASN B 246 -24.90 3.11 -14.50
CA ASN B 246 -26.32 2.77 -14.56
C ASN B 246 -26.93 2.85 -15.96
N ASP B 247 -26.11 3.18 -16.97
CA ASP B 247 -26.60 3.25 -18.34
C ASP B 247 -26.09 1.97 -18.97
N THR B 248 -26.87 0.89 -18.86
CA THR B 248 -26.46 -0.41 -19.37
C THR B 248 -26.05 -0.52 -20.83
N SER B 249 -26.54 0.37 -21.69
CA SER B 249 -26.18 0.32 -23.11
C SER B 249 -24.80 0.91 -23.45
N VAL B 250 -24.17 1.55 -22.47
CA VAL B 250 -22.86 2.15 -22.71
C VAL B 250 -21.75 1.23 -22.23
N GLY B 251 -20.88 0.82 -23.15
CA GLY B 251 -19.76 -0.04 -22.82
C GLY B 251 -18.65 0.72 -22.11
N LEU B 252 -18.02 0.08 -21.13
CA LEU B 252 -16.94 0.70 -20.37
C LEU B 252 -15.69 -0.15 -20.62
N ILE B 253 -14.65 0.44 -21.23
CA ILE B 253 -13.43 -0.30 -21.58
C ILE B 253 -12.17 0.31 -20.96
N GLY B 254 -11.45 -0.50 -20.17
CA GLY B 254 -10.22 -0.07 -19.53
C GLY B 254 -9.03 -0.67 -20.25
N VAL B 255 -7.95 0.08 -20.40
CA VAL B 255 -6.78 -0.41 -21.11
C VAL B 255 -5.54 -0.44 -20.24
N GLU B 256 -4.91 -1.60 -20.17
CA GLU B 256 -3.74 -1.79 -19.32
C GLU B 256 -2.47 -1.87 -20.17
N PRO B 257 -1.32 -1.41 -19.66
CA PRO B 257 -0.11 -1.50 -20.47
C PRO B 257 0.40 -2.91 -20.73
N GLY B 258 0.66 -3.20 -22.01
CA GLY B 258 1.16 -4.52 -22.39
C GLY B 258 2.67 -4.60 -22.46
N GLY B 259 3.33 -3.45 -22.30
CA GLY B 259 4.79 -3.42 -22.35
C GLY B 259 5.38 -4.00 -23.63
N HIS B 260 6.34 -4.91 -23.50
CA HIS B 260 6.95 -5.54 -24.66
C HIS B 260 6.09 -6.69 -25.17
N GLY B 261 4.98 -6.94 -24.50
CA GLY B 261 4.07 -8.02 -24.89
C GLY B 261 3.77 -8.88 -23.68
N ILE B 262 2.50 -9.25 -23.50
CA ILE B 262 2.12 -10.06 -22.35
C ILE B 262 2.98 -11.30 -22.23
N GLU B 263 3.13 -12.01 -23.34
CA GLU B 263 3.90 -13.24 -23.42
C GLU B 263 5.37 -13.16 -22.96
N THR B 264 5.92 -11.97 -22.88
CA THR B 264 7.31 -11.82 -22.46
C THR B 264 7.40 -11.65 -20.95
N GLY B 265 6.25 -11.40 -20.33
CA GLY B 265 6.19 -11.18 -18.90
C GLY B 265 6.61 -9.76 -18.57
N GLU B 266 6.95 -8.99 -19.61
CA GLU B 266 7.41 -7.60 -19.44
C GLU B 266 6.25 -6.63 -19.71
N HIS B 267 5.29 -6.61 -18.79
CA HIS B 267 4.09 -5.78 -18.93
C HIS B 267 3.65 -5.16 -17.59
N GLY B 268 2.48 -4.52 -17.60
CA GLY B 268 1.92 -3.92 -16.40
C GLY B 268 0.42 -4.12 -16.40
N ALA B 269 -0.02 -5.36 -16.62
CA ALA B 269 -1.43 -5.68 -16.67
C ALA B 269 -1.82 -6.69 -15.60
N PRO B 270 -1.87 -6.26 -14.31
CA PRO B 270 -2.24 -7.17 -13.22
C PRO B 270 -3.70 -7.60 -13.17
N LEU B 271 -4.63 -6.67 -13.40
CA LEU B 271 -6.05 -7.00 -13.36
C LEU B 271 -6.38 -8.15 -14.27
N LYS B 272 -5.68 -8.24 -15.41
CA LYS B 272 -5.94 -9.29 -16.37
C LYS B 272 -4.89 -10.40 -16.43
N HIS B 273 -3.66 -10.11 -16.04
CA HIS B 273 -2.60 -11.09 -16.13
C HIS B 273 -1.75 -11.21 -14.87
N GLY B 274 -2.32 -10.85 -13.73
CA GLY B 274 -1.58 -10.94 -12.48
C GLY B 274 -2.30 -11.92 -11.59
N ARG B 275 -2.12 -11.77 -10.28
CA ARG B 275 -2.78 -12.66 -9.32
C ARG B 275 -3.25 -11.89 -8.10
N VAL B 276 -4.44 -12.23 -7.60
CA VAL B 276 -4.98 -11.55 -6.43
C VAL B 276 -4.10 -11.75 -5.18
N GLY B 277 -3.81 -10.64 -4.51
CA GLY B 277 -3.00 -10.66 -3.31
C GLY B 277 -3.48 -9.58 -2.37
N ILE B 278 -2.77 -9.40 -1.26
CA ILE B 278 -3.12 -8.37 -0.29
C ILE B 278 -1.90 -7.49 -0.12
N TYR B 279 -2.03 -6.24 -0.54
CA TYR B 279 -0.94 -5.28 -0.41
C TYR B 279 -1.44 -3.84 -0.65
N PHE B 280 -0.74 -2.88 -0.05
CA PHE B 280 -1.06 -1.45 -0.11
C PHE B 280 -2.44 -1.18 0.49
N GLY B 281 -2.72 -1.85 1.61
CA GLY B 281 -3.98 -1.73 2.32
C GLY B 281 -5.19 -2.16 1.54
N MET B 282 -4.98 -3.12 0.64
CA MET B 282 -6.00 -3.56 -0.32
C MET B 282 -5.94 -5.04 -0.72
N LYS B 283 -7.10 -5.59 -1.08
CA LYS B 283 -7.17 -6.94 -1.66
C LYS B 283 -7.43 -6.69 -3.15
N ALA B 284 -6.49 -7.06 -4.02
CA ALA B 284 -6.66 -6.83 -5.46
C ALA B 284 -5.59 -7.56 -6.30
N PRO B 285 -5.80 -7.65 -7.64
CA PRO B 285 -4.89 -8.28 -8.61
C PRO B 285 -3.52 -7.60 -8.50
N MET B 286 -2.43 -8.35 -8.66
CA MET B 286 -1.11 -7.75 -8.44
C MET B 286 0.04 -8.38 -9.21
N MET B 287 1.10 -7.58 -9.43
CA MET B 287 2.31 -8.05 -10.11
C MET B 287 3.05 -8.76 -8.98
N GLN B 288 3.16 -10.09 -9.06
CA GLN B 288 3.72 -10.89 -7.97
C GLN B 288 4.64 -12.01 -8.40
N THR B 289 5.58 -12.42 -7.54
CA THR B 289 6.39 -13.60 -7.88
C THR B 289 5.55 -14.80 -7.38
N ALA B 290 5.98 -16.01 -7.72
CA ALA B 290 5.27 -17.22 -7.29
C ALA B 290 5.23 -17.33 -5.76
N ASP B 291 6.26 -16.80 -5.10
CA ASP B 291 6.38 -16.80 -3.64
C ASP B 291 5.62 -15.67 -2.94
N GLY B 292 4.89 -14.84 -3.69
CA GLY B 292 4.15 -13.75 -3.08
C GLY B 292 4.95 -12.48 -2.81
N GLN B 293 6.10 -12.36 -3.45
CA GLN B 293 6.93 -11.18 -3.27
C GLN B 293 6.44 -10.15 -4.30
N ILE B 294 6.10 -8.94 -3.85
CA ILE B 294 5.58 -7.91 -4.75
C ILE B 294 6.60 -7.50 -5.83
N GLU B 295 6.14 -7.50 -7.08
CA GLU B 295 6.97 -7.17 -8.22
C GLU B 295 6.65 -5.83 -8.89
N GLU B 296 7.39 -5.51 -9.94
CA GLU B 296 7.23 -4.25 -10.66
C GLU B 296 6.43 -4.36 -11.98
N SER B 297 5.77 -3.27 -12.36
CA SER B 297 5.01 -3.20 -13.60
C SER B 297 5.88 -2.45 -14.63
N TYR B 298 5.90 -2.91 -15.87
CA TYR B 298 6.69 -2.25 -16.92
C TYR B 298 5.82 -1.67 -18.06
N SER B 299 6.24 -0.53 -18.57
CA SER B 299 5.57 0.17 -19.67
C SER B 299 6.45 1.28 -20.25
N ILE B 300 6.22 1.63 -21.52
CA ILE B 300 6.97 2.72 -22.15
C ILE B 300 6.61 4.00 -21.37
N SER B 301 5.35 4.10 -20.93
CA SER B 301 4.94 5.26 -20.14
C SER B 301 5.20 5.01 -18.67
N ALA B 302 5.99 5.89 -18.06
CA ALA B 302 6.34 5.80 -16.65
C ALA B 302 5.11 5.89 -15.74
N GLY B 303 4.11 6.65 -16.16
CA GLY B 303 2.90 6.83 -15.36
C GLY B 303 1.95 5.64 -15.24
N LEU B 304 2.23 4.54 -15.90
CA LEU B 304 1.37 3.37 -15.78
C LEU B 304 2.15 2.28 -15.04
N ASP B 305 2.95 2.72 -14.08
CA ASP B 305 3.81 1.86 -13.27
C ASP B 305 3.20 1.15 -12.05
N PHE B 306 2.08 1.65 -11.52
CA PHE B 306 1.42 1.03 -10.35
C PHE B 306 1.22 -0.47 -10.61
N PRO B 307 1.90 -1.33 -9.82
CA PRO B 307 1.87 -2.80 -9.90
C PRO B 307 0.58 -3.50 -9.47
N SER B 308 -0.47 -2.74 -9.21
CA SER B 308 -1.75 -3.29 -8.80
C SER B 308 -2.86 -2.51 -9.53
N VAL B 309 -4.09 -2.54 -9.02
CA VAL B 309 -5.20 -1.85 -9.68
C VAL B 309 -6.36 -1.62 -8.71
N GLY B 310 -7.14 -0.59 -9.00
CA GLY B 310 -8.29 -0.25 -8.17
C GLY B 310 -9.32 -1.36 -8.01
N PRO B 311 -9.78 -1.59 -6.77
CA PRO B 311 -10.78 -2.61 -6.43
C PRO B 311 -12.11 -2.52 -7.19
N GLN B 312 -12.61 -1.30 -7.44
CA GLN B 312 -13.86 -1.17 -8.20
C GLN B 312 -13.74 -1.68 -9.64
N HIS B 313 -12.53 -1.64 -10.19
CA HIS B 313 -12.28 -2.13 -11.55
C HIS B 313 -12.28 -3.67 -11.56
N ALA B 314 -11.60 -4.28 -10.59
CA ALA B 314 -11.52 -5.73 -10.47
C ALA B 314 -12.95 -6.27 -10.33
N TYR B 315 -13.78 -5.53 -9.60
CA TYR B 315 -15.17 -5.86 -9.37
C TYR B 315 -16.06 -5.68 -10.60
N LEU B 316 -15.92 -4.54 -11.29
CA LEU B 316 -16.74 -4.29 -12.51
C LEU B 316 -16.38 -5.36 -13.56
N ASN B 317 -15.14 -5.81 -13.53
CA ASN B 317 -14.71 -6.85 -14.45
C ASN B 317 -15.37 -8.18 -14.09
N SER B 318 -15.36 -8.54 -12.81
CA SER B 318 -15.93 -9.83 -12.41
C SER B 318 -17.41 -10.01 -12.73
N ILE B 319 -18.21 -8.95 -12.58
CA ILE B 319 -19.65 -9.06 -12.88
C ILE B 319 -19.96 -8.84 -14.37
N GLY B 320 -18.93 -8.51 -15.15
CA GLY B 320 -19.12 -8.28 -16.58
C GLY B 320 -19.60 -6.90 -17.00
N ARG B 321 -19.66 -5.94 -16.07
CA ARG B 321 -20.08 -4.56 -16.40
C ARG B 321 -19.06 -3.83 -17.26
N ALA B 322 -17.78 -4.03 -16.99
CA ALA B 322 -16.72 -3.40 -17.76
C ALA B 322 -15.77 -4.46 -18.32
N ASP B 323 -15.11 -4.13 -19.42
CA ASP B 323 -14.17 -5.02 -20.08
C ASP B 323 -12.79 -4.40 -20.09
N TYR B 324 -11.76 -5.22 -19.94
CA TYR B 324 -10.40 -4.71 -19.89
C TYR B 324 -9.52 -5.39 -20.93
N VAL B 325 -8.64 -4.59 -21.53
CA VAL B 325 -7.75 -5.06 -22.60
C VAL B 325 -6.38 -4.45 -22.38
N SER B 326 -5.41 -4.83 -23.21
CA SER B 326 -4.07 -4.26 -23.10
C SER B 326 -3.55 -3.81 -24.47
N ILE B 327 -2.54 -2.94 -24.44
CA ILE B 327 -1.90 -2.35 -25.62
C ILE B 327 -0.39 -2.30 -25.36
N THR B 328 0.41 -2.79 -26.30
CA THR B 328 1.87 -2.82 -26.19
C THR B 328 2.56 -1.45 -26.41
N ASP B 329 3.87 -1.40 -26.10
CA ASP B 329 4.67 -0.18 -26.27
C ASP B 329 4.54 0.34 -27.70
N ASP B 330 4.88 -0.51 -28.67
CA ASP B 330 4.82 -0.11 -30.08
C ASP B 330 3.45 0.37 -30.51
N GLU B 331 2.41 -0.23 -29.94
CA GLU B 331 1.04 0.14 -30.26
C GLU B 331 0.72 1.54 -29.72
N ALA B 332 1.16 1.83 -28.50
CA ALA B 332 0.94 3.15 -27.92
C ALA B 332 1.73 4.25 -28.67
N LEU B 333 2.92 3.92 -29.17
CA LEU B 333 3.75 4.87 -29.93
C LEU B 333 3.03 5.24 -31.24
N GLU B 334 2.51 4.24 -31.96
CA GLU B 334 1.76 4.49 -33.19
C GLU B 334 0.60 5.47 -32.99
N ALA B 335 -0.20 5.26 -31.94
CA ALA B 335 -1.34 6.13 -31.64
C ALA B 335 -0.88 7.56 -31.28
N PHE B 336 0.29 7.67 -30.66
CA PHE B 336 0.87 8.96 -30.28
C PHE B 336 1.16 9.74 -31.58
N LYS B 337 1.90 9.08 -32.46
CA LYS B 337 2.31 9.62 -33.75
C LYS B 337 1.10 10.06 -34.58
N THR B 338 0.12 9.17 -34.69
CA THR B 338 -1.10 9.42 -35.44
C THR B 338 -1.92 10.65 -35.00
N LEU B 339 -2.06 10.87 -33.68
CA LEU B 339 -2.85 12.01 -33.19
C LEU B 339 -2.11 13.33 -33.41
N CYS B 340 -0.79 13.31 -33.32
CA CYS B 340 0.02 14.51 -33.53
C CYS B 340 -0.19 14.96 -34.98
N ARG B 341 0.00 14.00 -35.87
CA ARG B 341 -0.07 14.19 -37.32
C ARG B 341 -1.44 14.54 -37.89
N HIS B 342 -2.49 13.89 -37.41
CA HIS B 342 -3.80 14.16 -37.98
C HIS B 342 -4.75 15.08 -37.25
N GLU B 343 -4.46 15.34 -35.98
CA GLU B 343 -5.33 16.18 -35.17
C GLU B 343 -4.59 17.35 -34.47
N GLY B 344 -3.26 17.34 -34.56
CA GLY B 344 -2.47 18.39 -33.93
C GLY B 344 -2.48 18.41 -32.41
N ILE B 345 -2.75 17.26 -31.81
CA ILE B 345 -2.80 17.15 -30.35
C ILE B 345 -1.71 16.17 -29.94
N ILE B 346 -0.90 16.56 -28.97
CA ILE B 346 0.17 15.71 -28.45
C ILE B 346 -0.34 15.07 -27.16
N PRO B 347 -0.68 13.77 -27.22
CA PRO B 347 -1.20 13.01 -26.09
C PRO B 347 -0.12 12.35 -25.23
N ALA B 348 -0.40 12.24 -23.94
CA ALA B 348 0.54 11.58 -23.04
C ALA B 348 0.63 10.13 -23.51
N LEU B 349 1.77 9.49 -23.29
CA LEU B 349 1.95 8.10 -23.67
C LEU B 349 0.99 7.22 -22.85
N GLU B 350 0.47 7.78 -21.76
CA GLU B 350 -0.45 7.11 -20.88
C GLU B 350 -1.74 6.97 -21.68
N SER B 351 -2.31 8.13 -22.01
CA SER B 351 -3.56 8.23 -22.76
C SER B 351 -3.48 7.54 -24.11
N SER B 352 -2.31 7.54 -24.72
CA SER B 352 -2.06 6.90 -26.01
C SER B 352 -2.47 5.42 -26.05
N HIS B 353 -2.47 4.77 -24.89
CA HIS B 353 -2.87 3.37 -24.77
C HIS B 353 -4.37 3.30 -25.01
N ALA B 354 -5.10 4.27 -24.48
CA ALA B 354 -6.56 4.30 -24.66
C ALA B 354 -6.90 4.60 -26.13
N LEU B 355 -6.22 5.59 -26.72
CA LEU B 355 -6.44 5.96 -28.13
C LEU B 355 -6.17 4.76 -29.03
N ALA B 356 -5.04 4.09 -28.79
CA ALA B 356 -4.63 2.93 -29.56
C ALA B 356 -5.72 1.86 -29.61
N HIS B 357 -6.48 1.68 -28.53
CA HIS B 357 -7.52 0.67 -28.57
C HIS B 357 -8.69 1.16 -29.41
N ALA B 358 -9.04 2.44 -29.27
CA ALA B 358 -10.14 3.02 -30.05
C ALA B 358 -9.81 2.91 -31.55
N LEU B 359 -8.54 3.12 -31.87
CA LEU B 359 -8.04 3.04 -33.23
C LEU B 359 -8.19 1.60 -33.78
N LYS B 360 -7.93 0.60 -32.92
CA LYS B 360 -8.06 -0.82 -33.30
C LYS B 360 -9.51 -1.21 -33.57
N MET B 361 -10.39 -0.71 -32.69
CA MET B 361 -11.82 -0.93 -32.77
C MET B 361 -12.32 -0.49 -34.16
N MET B 362 -11.86 0.68 -34.60
CA MET B 362 -12.21 1.25 -35.90
C MET B 362 -11.65 0.43 -37.06
N ARG B 363 -10.33 0.35 -37.07
CA ARG B 363 -9.56 -0.31 -38.09
C ARG B 363 -9.97 -1.76 -38.34
N GLU B 364 -10.24 -2.48 -37.26
CA GLU B 364 -10.59 -3.88 -37.32
C GLU B 364 -11.98 -4.10 -37.90
N GLN B 365 -12.85 -3.13 -37.74
CA GLN B 365 -14.20 -3.27 -38.23
C GLN B 365 -14.64 -1.87 -38.68
N PRO B 366 -14.05 -1.36 -39.79
CA PRO B 366 -14.32 -0.03 -40.37
C PRO B 366 -15.74 0.25 -40.83
N GLU B 367 -16.53 -0.80 -41.06
CA GLU B 367 -17.90 -0.60 -41.54
C GLU B 367 -18.91 -0.62 -40.40
N LYS B 368 -18.42 -0.82 -39.18
CA LYS B 368 -19.28 -0.83 -38.01
C LYS B 368 -19.61 0.58 -37.55
N GLU B 369 -20.89 0.87 -37.35
CA GLU B 369 -21.31 2.19 -36.87
C GLU B 369 -20.98 2.23 -35.39
N GLN B 370 -20.27 3.28 -34.97
CA GLN B 370 -19.79 3.35 -33.60
C GLN B 370 -19.63 4.79 -33.10
N LEU B 371 -20.11 5.09 -31.89
CA LEU B 371 -19.95 6.41 -31.28
C LEU B 371 -19.03 6.21 -30.09
N LEU B 372 -17.76 6.57 -30.25
CA LEU B 372 -16.74 6.39 -29.22
C LEU B 372 -16.21 7.65 -28.54
N VAL B 373 -15.87 7.50 -27.25
CA VAL B 373 -15.29 8.58 -26.45
C VAL B 373 -14.06 8.04 -25.74
N VAL B 374 -12.90 8.64 -26.03
CA VAL B 374 -11.67 8.25 -25.37
C VAL B 374 -11.40 9.34 -24.35
N ASN B 375 -10.86 8.98 -23.19
CA ASN B 375 -10.55 9.96 -22.16
C ASN B 375 -9.09 10.33 -22.38
N LEU B 376 -8.84 11.55 -22.85
CA LEU B 376 -7.46 11.99 -23.06
C LEU B 376 -7.07 12.57 -21.72
N SER B 377 -6.56 11.70 -20.86
CA SER B 377 -6.20 12.03 -19.50
C SER B 377 -5.04 13.01 -19.28
N GLY B 378 -4.23 13.23 -20.32
CA GLY B 378 -3.10 14.13 -20.16
C GLY B 378 -2.39 14.57 -21.43
N ARG B 379 -1.47 15.51 -21.22
CA ARG B 379 -0.64 16.14 -22.26
C ARG B 379 0.64 15.33 -22.50
N GLY B 380 1.15 15.35 -23.72
CA GLY B 380 2.35 14.57 -24.02
C GLY B 380 3.66 15.30 -24.22
N ASP B 381 3.71 16.60 -23.90
CA ASP B 381 4.95 17.39 -24.04
C ASP B 381 6.09 16.71 -23.29
N LYS B 382 5.71 16.07 -22.19
CA LYS B 382 6.54 15.28 -21.29
C LYS B 382 7.28 14.13 -21.94
N ASP B 383 6.64 13.54 -22.95
CA ASP B 383 7.17 12.37 -23.66
C ASP B 383 7.91 12.63 -24.97
N ILE B 384 8.14 13.90 -25.33
CA ILE B 384 8.82 14.21 -26.59
C ILE B 384 10.18 13.56 -26.78
N PHE B 385 11.04 13.68 -25.79
CA PHE B 385 12.36 13.11 -25.88
C PHE B 385 12.35 11.58 -25.91
N THR B 386 11.47 10.98 -25.10
CA THR B 386 11.33 9.52 -25.02
C THR B 386 10.96 8.95 -26.38
N VAL B 387 9.88 9.48 -26.96
CA VAL B 387 9.39 9.04 -28.26
C VAL B 387 10.40 9.36 -29.36
N HIS B 388 11.31 10.29 -29.08
CA HIS B 388 12.32 10.73 -30.05
C HIS B 388 13.55 9.82 -30.16
N ASP B 389 13.97 9.24 -29.04
CA ASP B 389 15.14 8.39 -29.02
C ASP B 389 14.88 6.96 -29.49
P1 HF1 C . 12.05 -2.47 17.74
O3 HF1 C . 12.73 -2.96 18.90
O1 HF1 C . 11.56 -1.18 17.99
O2 HF1 C . 12.95 -2.46 16.66
C2 HF1 C . 11.10 -5.02 16.98
C3 HF1 C . 9.10 -6.60 16.83
C9 HF1 C . 5.85 -6.17 15.15
C8 HF1 C . 7.16 -6.51 14.71
C7 HF1 C . 7.67 -5.94 13.48
OH HF1 C . 8.97 -6.25 12.98
C6 HF1 C . 6.84 -5.08 12.73
C5 HF1 C . 5.54 -4.76 13.19
C10 HF1 C . 5.05 -5.32 14.42
F HF1 C . 3.79 -5.02 14.86
S1 HF1 C . 8.11 -7.63 15.74
C4 HF1 C . 10.22 -5.90 16.06
C1 HF1 C . 10.65 -3.59 17.30
NA NA D . -1.49 -1.11 -12.68
N1 PLP E . -2.66 9.19 -17.32
C2 PLP E . -1.99 10.37 -17.09
C2A PLP E . -1.85 11.40 -18.17
C3 PLP E . -1.43 10.55 -15.84
O3 PLP E . -0.76 11.75 -15.61
C4 PLP E . -1.51 9.59 -14.82
C4A PLP E . -1.20 10.29 -13.62
C5 PLP E . -2.17 8.39 -15.11
C6 PLP E . -2.73 8.25 -16.35
C5A PLP E . -2.26 7.08 -14.24
O4P PLP E . -3.56 7.01 -13.91
P PLP E . -4.69 6.45 -13.08
O1P PLP E . -4.88 6.73 -11.64
O2P PLP E . -5.89 7.14 -13.58
O3P PLP E . -4.71 5.08 -13.56
#